data_4OQ5
#
_entry.id   4OQ5
#
_cell.length_a   71.112
_cell.length_b   109.750
_cell.length_c   76.544
_cell.angle_alpha   90.00
_cell.angle_beta   93.31
_cell.angle_gamma   90.00
#
_symmetry.space_group_name_H-M   'P 1 21 1'
#
loop_
_entity.id
_entity.type
_entity.pdbx_description
1 polymer 'Induced myeloid leukemia cell differentiation protein Mcl-1'
2 non-polymer '4-(4-methylnaphthalen-1-yl)-2-{[(4-phenoxyphenyl)sulfonyl]amino}benzoic acid'
3 water water
#
_entity_poly.entity_id   1
_entity_poly.type   'polypeptide(L)'
_entity_poly.pdbx_seq_one_letter_code
;GTLVPRGSMDLYRQSLEIISRYLREQATGAKDTKPMGRSGATSRKALETLRRVGDGVQRNHETAFQGMLRKLDIKNEDDV
KSLSRVMIHVFSDGVTNWGRIVTLISFGAFVAKHLKTINQESCIEPLAESITDVLVRTKRDWLVKQRGWDGFVEFFHVED
LEG
;
_entity_poly.pdbx_strand_id   A,B,C,D,E,F
#
loop_
_chem_comp.id
_chem_comp.type
_chem_comp.name
_chem_comp.formula
2UU non-polymer '4-(4-methylnaphthalen-1-yl)-2-{[(4-phenoxyphenyl)sulfonyl]amino}benzoic acid' 'C30 H23 N O5 S'
#
# COMPACT_ATOMS: atom_id res chain seq x y z
N MET A 9 30.25 -4.83 29.70
CA MET A 9 31.41 -5.37 28.98
C MET A 9 31.78 -6.79 29.44
N ASP A 10 31.40 -7.17 30.68
CA ASP A 10 31.59 -8.50 31.29
C ASP A 10 30.68 -9.49 30.54
N LEU A 11 29.38 -9.15 30.49
CA LEU A 11 28.31 -9.87 29.81
C LEU A 11 28.50 -9.77 28.28
N TYR A 12 28.89 -8.57 27.77
CA TYR A 12 29.14 -8.34 26.36
C TYR A 12 30.21 -9.29 25.78
N ARG A 13 31.44 -9.31 26.37
CA ARG A 13 32.54 -10.15 25.90
C ARG A 13 32.16 -11.63 25.93
N GLN A 14 31.41 -12.05 26.98
CA GLN A 14 30.93 -13.42 27.15
C GLN A 14 29.89 -13.76 26.06
N SER A 15 28.90 -12.86 25.84
CA SER A 15 27.86 -13.04 24.82
C SER A 15 28.50 -13.12 23.43
N LEU A 16 29.42 -12.17 23.14
CA LEU A 16 30.14 -12.11 21.87
C LEU A 16 30.90 -13.37 21.59
N GLU A 17 31.54 -13.97 22.61
CA GLU A 17 32.30 -15.22 22.48
C GLU A 17 31.39 -16.39 22.16
N ILE A 18 30.24 -16.50 22.88
CA ILE A 18 29.26 -17.58 22.66
C ILE A 18 28.63 -17.45 21.26
N ILE A 19 28.05 -16.26 20.94
CA ILE A 19 27.38 -15.98 19.68
C ILE A 19 28.36 -16.14 18.51
N SER A 20 29.57 -15.53 18.64
CA SER A 20 30.61 -15.61 17.62
C SER A 20 31.07 -17.05 17.36
N ARG A 21 31.27 -17.85 18.43
CA ARG A 21 31.64 -19.26 18.31
C ARG A 21 30.55 -20.04 17.64
N TYR A 22 29.30 -19.89 18.11
CA TYR A 22 28.16 -20.60 17.55
C TYR A 22 28.00 -20.32 16.06
N LEU A 23 28.04 -19.04 15.68
CA LEU A 23 27.90 -18.62 14.28
C LEU A 23 29.01 -19.18 13.40
N ARG A 24 30.29 -19.05 13.85
CA ARG A 24 31.44 -19.59 13.12
C ARG A 24 31.34 -21.11 12.94
N GLU A 25 31.00 -21.87 14.00
CA GLU A 25 30.93 -23.31 13.86
C GLU A 25 29.74 -23.76 13.03
N GLN A 26 28.62 -23.02 13.04
CA GLN A 26 27.44 -23.35 12.22
C GLN A 26 27.79 -23.19 10.73
N ALA A 27 28.52 -22.11 10.42
CA ALA A 27 28.96 -21.76 9.08
C ALA A 27 29.93 -22.78 8.50
N THR A 28 31.04 -23.04 9.23
CA THR A 28 32.15 -23.91 8.82
C THR A 28 31.90 -25.41 9.02
N GLY A 29 31.00 -25.76 9.94
CA GLY A 29 30.70 -27.15 10.28
C GLY A 29 31.71 -27.75 11.24
N ALA A 30 32.78 -26.99 11.57
CA ALA A 30 33.86 -27.40 12.46
C ALA A 30 33.80 -26.66 13.79
N LYS A 31 33.67 -27.45 14.89
CA LYS A 31 33.61 -26.94 16.26
C LYS A 31 34.97 -26.41 16.68
N ASP A 32 35.06 -25.09 16.94
CA ASP A 32 36.29 -24.42 17.38
C ASP A 32 36.46 -24.71 18.87
N THR A 33 37.52 -25.47 19.21
CA THR A 33 37.83 -25.85 20.58
C THR A 33 39.23 -25.34 20.95
N LYS A 34 39.27 -24.21 21.68
CA LYS A 34 40.53 -23.60 22.14
C LYS A 34 40.33 -22.95 23.55
N PRO A 35 39.99 -21.65 23.78
CA PRO A 35 39.89 -21.18 25.17
C PRO A 35 38.49 -21.22 25.80
N MET A 36 38.41 -20.79 27.08
CA MET A 36 37.21 -20.67 27.90
C MET A 36 37.25 -19.35 28.72
N GLY A 37 37.29 -18.24 27.98
CA GLY A 37 37.32 -16.90 28.55
C GLY A 37 35.93 -16.43 28.96
N ARG A 38 35.87 -15.51 29.97
CA ARG A 38 34.67 -14.90 30.55
C ARG A 38 33.66 -15.95 31.06
N SER A 39 33.83 -16.42 32.33
CA SER A 39 33.03 -17.47 32.99
C SER A 39 33.02 -18.74 32.14
N GLY A 40 34.19 -19.38 32.06
CA GLY A 40 34.49 -20.58 31.28
C GLY A 40 33.46 -21.70 31.24
N ALA A 41 33.07 -22.24 32.42
CA ALA A 41 32.08 -23.31 32.52
C ALA A 41 30.70 -22.86 32.03
N THR A 42 30.30 -21.61 32.38
CA THR A 42 29.02 -21.02 31.94
C THR A 42 28.98 -20.91 30.43
N SER A 43 30.09 -20.41 29.82
CA SER A 43 30.23 -20.26 28.38
C SER A 43 30.24 -21.58 27.66
N ARG A 44 30.88 -22.63 28.23
CA ARG A 44 30.90 -23.97 27.60
C ARG A 44 29.49 -24.53 27.59
N LYS A 45 28.79 -24.39 28.72
CA LYS A 45 27.43 -24.84 28.90
C LYS A 45 26.44 -24.03 28.01
N ALA A 46 26.64 -22.69 27.92
CA ALA A 46 25.81 -21.79 27.09
C ALA A 46 25.95 -22.19 25.65
N LEU A 47 27.20 -22.42 25.21
CA LEU A 47 27.52 -22.83 23.85
C LEU A 47 26.96 -24.18 23.56
N GLU A 48 26.81 -25.04 24.58
CA GLU A 48 26.29 -26.40 24.38
C GLU A 48 24.79 -26.39 24.24
N THR A 49 24.09 -25.58 25.09
CA THR A 49 22.62 -25.44 25.05
C THR A 49 22.26 -24.78 23.72
N LEU A 50 23.05 -23.78 23.34
CA LEU A 50 22.87 -23.04 22.11
C LEU A 50 22.98 -23.95 20.92
N ARG A 51 23.95 -24.83 20.87
CA ARG A 51 24.00 -25.70 19.70
C ARG A 51 22.90 -26.77 19.72
N ARG A 52 22.33 -27.15 20.87
CA ARG A 52 21.22 -28.12 20.87
C ARG A 52 19.91 -27.40 20.48
N VAL A 53 19.59 -26.32 21.19
CA VAL A 53 18.42 -25.48 21.02
C VAL A 53 18.45 -24.78 19.67
N GLY A 54 19.53 -24.07 19.39
CA GLY A 54 19.76 -23.35 18.13
C GLY A 54 19.54 -24.20 16.90
N ASP A 55 20.03 -25.47 16.91
CA ASP A 55 19.89 -26.40 15.78
C ASP A 55 18.47 -26.88 15.61
N GLY A 56 17.74 -26.96 16.74
CA GLY A 56 16.34 -27.32 16.78
C GLY A 56 15.51 -26.22 16.17
N VAL A 57 15.80 -24.94 16.57
CA VAL A 57 15.06 -23.78 16.06
C VAL A 57 15.19 -23.70 14.52
N GLN A 58 16.42 -23.82 13.98
CA GLN A 58 16.68 -23.85 12.53
C GLN A 58 15.97 -25.04 11.87
N ARG A 59 15.93 -26.20 12.50
CA ARG A 59 15.27 -27.38 11.95
C ARG A 59 13.77 -27.16 11.86
N ASN A 60 13.16 -26.68 12.96
CA ASN A 60 11.72 -26.46 13.09
C ASN A 60 11.20 -25.22 12.41
N HIS A 61 12.11 -24.37 11.87
CA HIS A 61 11.74 -23.11 11.22
C HIS A 61 12.39 -22.99 9.87
N GLU A 62 12.76 -24.13 9.23
CA GLU A 62 13.40 -24.14 7.93
C GLU A 62 12.62 -23.32 6.88
N THR A 63 11.29 -23.55 6.76
CA THR A 63 10.41 -22.83 5.81
C THR A 63 10.47 -21.32 6.04
N ALA A 64 10.20 -20.86 7.29
CA ALA A 64 10.22 -19.43 7.66
C ALA A 64 11.58 -18.84 7.42
N PHE A 65 12.63 -19.49 7.95
CA PHE A 65 14.02 -19.03 7.80
C PHE A 65 14.44 -18.91 6.34
N GLN A 66 14.14 -19.95 5.50
CA GLN A 66 14.44 -19.91 4.06
C GLN A 66 13.72 -18.74 3.37
N GLY A 67 12.44 -18.58 3.71
CA GLY A 67 11.60 -17.51 3.20
C GLY A 67 12.20 -16.15 3.47
N MET A 68 12.48 -15.90 4.76
CA MET A 68 13.05 -14.65 5.26
C MET A 68 14.43 -14.37 4.67
N LEU A 69 15.29 -15.39 4.56
CA LEU A 69 16.63 -15.28 4.03
C LEU A 69 16.60 -14.87 2.57
N ARG A 70 15.71 -15.50 1.78
CA ARG A 70 15.51 -15.19 0.35
C ARG A 70 15.06 -13.74 0.28
N LYS A 71 14.04 -13.35 1.06
CA LYS A 71 13.50 -11.98 1.13
C LYS A 71 14.63 -10.97 1.39
N LEU A 72 15.49 -11.27 2.38
CA LEU A 72 16.62 -10.39 2.75
C LEU A 72 17.60 -10.18 1.59
N ASP A 73 17.75 -11.23 0.73
CA ASP A 73 18.61 -11.27 -0.44
C ASP A 73 20.04 -10.80 -0.12
N ILE A 74 20.70 -11.45 0.85
CA ILE A 74 22.06 -11.07 1.25
C ILE A 74 23.04 -11.51 0.17
N LYS A 75 23.73 -10.56 -0.45
CA LYS A 75 24.71 -10.80 -1.52
C LYS A 75 26.15 -10.44 -1.11
N ASN A 76 26.32 -9.37 -0.32
CA ASN A 76 27.63 -8.90 0.12
C ASN A 76 27.65 -8.33 1.56
N GLU A 77 28.85 -7.90 2.02
CA GLU A 77 29.15 -7.31 3.34
C GLU A 77 28.24 -6.10 3.66
N ASP A 78 27.94 -5.26 2.66
CA ASP A 78 27.09 -4.09 2.84
C ASP A 78 25.65 -4.49 3.11
N ASP A 79 25.22 -5.66 2.57
CA ASP A 79 23.88 -6.21 2.80
C ASP A 79 23.78 -6.70 4.24
N VAL A 80 24.89 -7.27 4.77
CA VAL A 80 25.00 -7.73 6.16
C VAL A 80 24.92 -6.54 7.13
N LYS A 81 25.52 -5.39 6.78
CA LYS A 81 25.48 -4.19 7.62
C LYS A 81 24.09 -3.62 7.70
N SER A 82 23.32 -3.71 6.61
CA SER A 82 21.94 -3.19 6.53
C SER A 82 20.94 -3.94 7.40
N LEU A 83 21.30 -5.15 7.80
CA LEU A 83 20.50 -6.05 8.62
C LEU A 83 20.25 -5.48 10.01
N SER A 84 21.19 -4.70 10.55
CA SER A 84 21.08 -4.16 11.89
C SER A 84 19.87 -3.28 12.14
N ARG A 85 19.43 -2.40 11.20
CA ARG A 85 18.25 -1.62 11.59
C ARG A 85 17.03 -2.47 11.74
N VAL A 86 16.85 -3.51 10.89
CA VAL A 86 15.69 -4.42 10.98
C VAL A 86 15.79 -5.20 12.25
N MET A 87 17.01 -5.66 12.56
CA MET A 87 17.31 -6.42 13.75
C MET A 87 16.88 -5.69 15.01
N ILE A 88 17.35 -4.42 15.20
CA ILE A 88 17.00 -3.59 16.37
C ILE A 88 15.52 -3.36 16.40
N HIS A 89 14.94 -3.01 15.24
CA HIS A 89 13.53 -2.70 15.12
C HIS A 89 12.61 -3.84 15.56
N VAL A 90 12.91 -5.04 15.12
CA VAL A 90 12.10 -6.21 15.42
C VAL A 90 12.42 -6.74 16.81
N PHE A 91 13.72 -7.01 17.08
CA PHE A 91 14.15 -7.62 18.35
C PHE A 91 13.69 -6.89 19.59
N SER A 92 13.67 -5.57 19.58
CA SER A 92 13.10 -4.91 20.74
C SER A 92 11.55 -4.86 20.55
N ASP A 93 10.97 -3.68 20.62
CA ASP A 93 9.54 -3.40 20.44
C ASP A 93 8.60 -4.13 21.45
N GLY A 94 8.62 -5.45 21.56
CA GLY A 94 7.70 -6.09 22.48
C GLY A 94 8.33 -6.75 23.68
N VAL A 95 7.65 -7.80 24.16
CA VAL A 95 8.09 -8.58 25.32
C VAL A 95 9.37 -9.37 25.02
N THR A 96 10.21 -9.49 26.02
CA THR A 96 11.47 -10.21 25.90
C THR A 96 11.41 -11.48 26.76
N ASN A 97 11.86 -12.59 26.18
CA ASN A 97 11.92 -13.89 26.83
C ASN A 97 13.02 -14.72 26.18
N TRP A 98 13.41 -15.87 26.77
CA TRP A 98 14.46 -16.70 26.19
C TRP A 98 14.14 -17.20 24.81
N GLY A 99 12.87 -17.53 24.55
CA GLY A 99 12.42 -18.00 23.24
C GLY A 99 12.81 -17.04 22.14
N ARG A 100 12.52 -15.75 22.36
CA ARG A 100 12.87 -14.65 21.45
C ARG A 100 14.41 -14.50 21.48
N VAL A 102 17.12 -15.95 21.54
CA VAL A 102 17.38 -17.33 21.02
C VAL A 102 17.00 -17.55 19.54
N THR A 103 15.76 -17.19 19.13
CA THR A 103 15.37 -17.29 17.72
C THR A 103 16.27 -16.30 16.97
N LEU A 104 16.55 -15.17 17.61
CA LEU A 104 17.48 -14.16 17.12
C LEU A 104 18.82 -14.81 16.77
N ILE A 105 19.45 -15.58 17.68
CA ILE A 105 20.74 -16.24 17.47
C ILE A 105 20.65 -17.32 16.40
N SER A 106 19.62 -18.17 16.46
CA SER A 106 19.38 -19.27 15.53
C SER A 106 19.23 -18.74 14.11
N PHE A 107 18.44 -17.65 13.93
CA PHE A 107 18.29 -17.00 12.62
C PHE A 107 19.65 -16.43 12.13
N GLY A 108 20.42 -15.88 13.06
CA GLY A 108 21.77 -15.41 12.83
C GLY A 108 22.67 -16.54 12.34
N ALA A 109 22.58 -17.72 12.98
CA ALA A 109 23.35 -18.91 12.60
C ALA A 109 22.94 -19.35 11.19
N PHE A 110 21.64 -19.28 10.88
CA PHE A 110 21.07 -19.61 9.57
C PHE A 110 21.66 -18.67 8.46
N VAL A 111 21.70 -17.35 8.73
CA VAL A 111 22.26 -16.33 7.85
C VAL A 111 23.77 -16.57 7.71
N ALA A 112 24.46 -16.89 8.83
CA ALA A 112 25.90 -17.17 8.82
C ALA A 112 26.20 -18.33 7.86
N LYS A 113 25.35 -19.39 7.90
CA LYS A 113 25.48 -20.55 7.00
C LYS A 113 25.39 -20.09 5.54
N HIS A 114 24.39 -19.24 5.24
CA HIS A 114 24.20 -18.66 3.91
C HIS A 114 25.44 -17.88 3.49
N LEU A 115 26.00 -17.10 4.41
CA LEU A 115 27.22 -16.32 4.18
C LEU A 115 28.44 -17.18 3.74
N LYS A 116 28.61 -18.38 4.33
CA LYS A 116 29.72 -19.26 3.96
C LYS A 116 29.52 -19.74 2.51
N THR A 117 28.27 -20.17 2.21
CA THR A 117 27.81 -20.64 0.90
C THR A 117 28.09 -19.65 -0.24
N ILE A 118 27.92 -18.35 0.01
CA ILE A 118 28.09 -17.31 -1.02
C ILE A 118 29.47 -16.61 -0.92
N ASN A 119 30.50 -17.31 -0.36
CA ASN A 119 31.87 -16.82 -0.19
C ASN A 119 31.91 -15.42 0.51
N GLN A 120 31.20 -15.31 1.63
CA GLN A 120 31.14 -14.09 2.42
C GLN A 120 31.40 -14.43 3.90
N GLU A 121 32.33 -15.39 4.16
CA GLU A 121 32.74 -15.87 5.49
C GLU A 121 33.30 -14.74 6.36
N SER A 122 33.86 -13.70 5.70
CA SER A 122 34.40 -12.50 6.34
C SER A 122 33.35 -11.67 7.09
N CYS A 123 32.04 -11.91 6.81
CA CYS A 123 30.92 -11.19 7.41
C CYS A 123 30.33 -11.88 8.61
N ILE A 124 30.67 -13.16 8.84
CA ILE A 124 30.18 -13.94 9.98
C ILE A 124 30.57 -13.29 11.33
N GLU A 125 31.85 -12.94 11.54
CA GLU A 125 32.29 -12.29 12.77
C GLU A 125 31.56 -10.93 12.94
N PRO A 126 31.53 -10.02 11.93
CA PRO A 126 30.71 -8.79 12.05
C PRO A 126 29.23 -9.04 12.39
N LEU A 127 28.61 -10.08 11.78
CA LEU A 127 27.21 -10.45 12.03
C LEU A 127 27.03 -10.82 13.51
N ALA A 128 27.95 -11.64 14.04
CA ALA A 128 27.99 -12.08 15.44
C ALA A 128 28.06 -10.85 16.32
N GLU A 129 28.88 -9.85 15.95
CA GLU A 129 29.01 -8.60 16.68
C GLU A 129 27.70 -7.78 16.60
N SER A 130 27.01 -7.78 15.42
CA SER A 130 25.73 -7.09 15.24
C SER A 130 24.68 -7.71 16.18
N ILE A 131 24.59 -9.06 16.21
CA ILE A 131 23.65 -9.79 17.06
C ILE A 131 23.91 -9.52 18.55
N THR A 132 25.19 -9.62 19.01
CA THR A 132 25.60 -9.35 20.39
C THR A 132 25.24 -7.91 20.75
N ASP A 133 25.55 -6.93 19.87
CA ASP A 133 25.22 -5.52 20.09
C ASP A 133 23.73 -5.38 20.29
N VAL A 134 22.91 -5.97 19.39
CA VAL A 134 21.46 -5.88 19.50
C VAL A 134 20.99 -6.52 20.80
N LEU A 135 21.46 -7.75 21.10
CA LEU A 135 21.08 -8.50 22.29
C LEU A 135 21.46 -7.81 23.61
N VAL A 136 22.77 -7.65 23.92
CA VAL A 136 23.29 -7.10 25.17
C VAL A 136 22.91 -5.60 25.38
N ARG A 137 23.06 -4.77 24.36
CA ARG A 137 22.80 -3.33 24.53
C ARG A 137 21.33 -2.99 24.70
N THR A 138 20.41 -3.83 24.17
CA THR A 138 18.98 -3.54 24.34
C THR A 138 18.35 -4.33 25.47
N LYS A 139 18.99 -5.42 25.95
CA LYS A 139 18.41 -6.26 26.99
C LYS A 139 19.32 -6.52 28.21
N ARG A 140 20.38 -5.71 28.43
CA ARG A 140 21.30 -5.91 29.60
C ARG A 140 20.54 -6.13 30.94
N ASP A 141 19.65 -5.20 31.31
CA ASP A 141 18.90 -5.27 32.57
C ASP A 141 18.14 -6.57 32.69
N TRP A 142 17.43 -6.97 31.63
CA TRP A 142 16.68 -8.24 31.61
C TRP A 142 17.64 -9.39 31.80
N LEU A 143 18.71 -9.42 31.01
CA LEU A 143 19.75 -10.44 31.06
C LEU A 143 20.37 -10.61 32.45
N VAL A 144 20.77 -9.50 33.12
CA VAL A 144 21.39 -9.55 34.45
C VAL A 144 20.38 -10.09 35.50
N LYS A 145 19.11 -9.66 35.42
CA LYS A 145 18.02 -10.10 36.30
C LYS A 145 17.73 -11.60 36.09
N GLN A 146 18.03 -12.13 34.89
CA GLN A 146 17.84 -13.53 34.51
C GLN A 146 19.09 -14.38 34.75
N ARG A 147 20.11 -13.79 35.41
CA ARG A 147 21.39 -14.44 35.73
C ARG A 147 22.20 -14.78 34.45
N GLY A 148 22.05 -13.96 33.41
CA GLY A 148 22.75 -14.05 32.15
C GLY A 148 22.68 -15.39 31.46
N TRP A 149 23.84 -15.90 31.04
CA TRP A 149 23.94 -17.18 30.35
C TRP A 149 23.63 -18.38 31.27
N ASP A 150 23.82 -18.23 32.60
CA ASP A 150 23.46 -19.28 33.56
C ASP A 150 21.93 -19.50 33.48
N GLY A 151 21.18 -18.40 33.29
CA GLY A 151 19.74 -18.38 33.10
C GLY A 151 19.33 -19.04 31.80
N PHE A 152 20.05 -18.76 30.69
CA PHE A 152 19.81 -19.37 29.38
C PHE A 152 19.99 -20.89 29.47
N VAL A 153 21.09 -21.33 30.13
CA VAL A 153 21.43 -22.74 30.34
C VAL A 153 20.33 -23.44 31.15
N GLU A 154 19.90 -22.78 32.24
CA GLU A 154 18.86 -23.28 33.16
C GLU A 154 17.50 -23.40 32.49
N PHE A 155 17.09 -22.34 31.79
CA PHE A 155 15.82 -22.28 31.06
C PHE A 155 15.72 -23.39 30.02
N PHE A 156 16.82 -23.72 29.36
CA PHE A 156 16.79 -24.72 28.30
C PHE A 156 17.26 -26.09 28.75
N HIS A 157 17.68 -26.24 30.03
CA HIS A 157 18.12 -27.51 30.58
C HIS A 157 17.06 -28.59 30.38
N VAL A 158 17.46 -29.72 29.78
CA VAL A 158 16.51 -30.78 29.48
C VAL A 158 16.64 -32.01 30.41
N GLU A 159 17.20 -33.17 29.92
CA GLU A 159 17.23 -34.50 30.58
C GLU A 159 15.78 -34.96 31.01
N MET B 9 7.10 1.97 25.00
CA MET B 9 6.30 2.52 23.90
C MET B 9 5.76 3.93 24.18
N ASP B 10 5.63 4.29 25.47
CA ASP B 10 5.20 5.62 25.97
C ASP B 10 6.32 6.62 25.63
N LEU B 11 7.56 6.29 26.09
CA LEU B 11 8.79 7.03 25.89
C LEU B 11 9.20 6.93 24.40
N TYR B 12 9.04 5.75 23.77
CA TYR B 12 9.37 5.53 22.37
C TYR B 12 8.60 6.45 21.42
N ARG B 13 7.25 6.46 21.50
CA ARG B 13 6.39 7.29 20.63
C ARG B 13 6.72 8.77 20.79
N GLN B 14 6.98 9.20 22.06
CA GLN B 14 7.35 10.56 22.39
C GLN B 14 8.73 10.91 21.78
N SER B 15 9.75 10.04 21.98
CA SER B 15 11.09 10.24 21.44
C SER B 15 11.05 10.30 19.91
N LEU B 16 10.31 9.36 19.29
CA LEU B 16 10.15 9.29 17.83
C LEU B 16 9.54 10.55 17.27
N GLU B 17 8.57 11.15 17.97
CA GLU B 17 7.91 12.37 17.55
C GLU B 17 8.86 13.57 17.61
N ILE B 18 9.64 13.69 18.71
CA ILE B 18 10.61 14.78 18.87
C ILE B 18 11.74 14.66 17.84
N ILE B 19 12.40 13.47 17.79
CA ILE B 19 13.52 13.19 16.87
C ILE B 19 13.06 13.35 15.42
N SER B 20 11.92 12.72 15.07
CA SER B 20 11.35 12.79 13.73
C SER B 20 11.04 14.23 13.30
N ARG B 21 10.42 15.03 14.21
CA ARG B 21 10.12 16.43 13.94
C ARG B 21 11.38 17.22 13.75
N TYR B 22 12.34 17.07 14.67
CA TYR B 22 13.62 17.78 14.60
C TYR B 22 14.34 17.51 13.29
N LEU B 23 14.48 16.23 12.93
CA LEU B 23 15.16 15.81 11.69
C LEU B 23 14.48 16.34 10.46
N ARG B 24 13.14 16.20 10.36
CA ARG B 24 12.35 16.72 9.24
C ARG B 24 12.49 18.23 9.12
N GLU B 25 12.38 18.99 10.25
CA GLU B 25 12.47 20.45 10.13
C GLU B 25 13.87 20.91 9.81
N GLN B 26 14.92 20.20 10.26
CA GLN B 26 16.31 20.55 9.95
C GLN B 26 16.58 20.38 8.46
N ALA B 27 16.04 19.31 7.90
CA ALA B 27 16.17 18.94 6.50
C ALA B 27 15.47 19.93 5.57
N THR B 28 14.16 20.16 5.80
CA THR B 28 13.27 21.01 5.00
C THR B 28 13.37 22.52 5.28
N GLY B 29 13.84 22.89 6.47
CA GLY B 29 13.98 24.28 6.88
C GLY B 29 12.67 24.86 7.39
N ALA B 30 11.58 24.07 7.28
CA ALA B 30 10.23 24.46 7.69
C ALA B 30 9.78 23.73 8.95
N LYS B 31 9.47 24.52 10.00
CA LYS B 31 9.01 24.00 11.30
C LYS B 31 7.59 23.47 11.16
N ASP B 32 7.42 22.15 11.38
CA ASP B 32 6.10 21.51 11.31
C ASP B 32 5.36 21.81 12.61
N THR B 33 4.26 22.57 12.52
CA THR B 33 3.45 22.95 13.68
C THR B 33 2.01 22.45 13.48
N LYS B 34 1.69 21.32 14.15
CA LYS B 34 0.36 20.72 14.09
C LYS B 34 0.00 20.08 15.47
N PRO B 35 0.21 18.76 15.82
CA PRO B 35 -0.21 18.30 17.14
C PRO B 35 0.85 18.35 18.25
N MET B 36 0.43 17.91 19.46
CA MET B 36 1.23 17.79 20.67
C MET B 36 0.88 16.46 21.41
N GLY B 37 1.14 15.35 20.71
CA GLY B 37 0.91 14.00 21.22
C GLY B 37 2.03 13.53 22.13
N ARG B 38 1.70 12.61 23.08
CA ARG B 38 2.58 11.99 24.08
C ARG B 38 3.30 13.05 24.94
N SER B 39 2.65 13.51 26.05
CA SER B 39 3.13 14.55 26.97
C SER B 39 3.46 15.83 26.18
N GLY B 40 2.40 16.47 25.66
CA GLY B 40 2.40 17.67 24.85
C GLY B 40 3.36 18.79 25.23
N ALA B 41 3.27 19.31 26.47
CA ALA B 41 4.15 20.39 26.96
C ALA B 41 5.61 19.95 26.99
N THR B 42 5.88 18.71 27.45
CA THR B 42 7.22 18.12 27.52
C THR B 42 7.82 18.03 26.14
N SER B 43 7.05 17.53 25.16
CA SER B 43 7.46 17.41 23.76
C SER B 43 7.72 18.77 23.12
N ARG B 44 6.84 19.77 23.36
CA ARG B 44 7.03 21.11 22.80
C ARG B 44 8.36 21.65 23.28
N LYS B 45 8.58 21.57 24.61
CA LYS B 45 9.77 22.02 25.30
C LYS B 45 11.01 21.23 24.87
N ALA B 46 10.90 19.89 24.73
CA ALA B 46 11.99 19.01 24.27
C ALA B 46 12.42 19.38 22.86
N LEU B 47 11.43 19.62 21.95
CA LEU B 47 11.68 20.04 20.59
C LEU B 47 12.28 21.43 20.50
N GLU B 48 11.97 22.34 21.47
CA GLU B 48 12.50 23.70 21.54
C GLU B 48 13.94 23.68 22.02
N THR B 49 14.24 22.90 23.10
CA THR B 49 15.61 22.84 23.61
C THR B 49 16.49 22.09 22.61
N LEU B 50 15.95 21.00 22.02
CA LEU B 50 16.67 20.22 21.01
C LEU B 50 17.04 21.07 19.83
N ARG B 51 16.15 21.99 19.37
CA ARG B 51 16.55 22.85 18.25
C ARG B 51 17.56 23.93 18.69
N ARG B 52 17.65 24.26 19.97
CA ARG B 52 18.63 25.22 20.46
C ARG B 52 20.01 24.52 20.65
N VAL B 53 20.04 23.44 21.47
CA VAL B 53 21.22 22.63 21.78
C VAL B 53 21.76 21.93 20.52
N GLY B 54 20.87 21.28 19.79
CA GLY B 54 21.20 20.54 18.58
C GLY B 54 21.80 21.39 17.49
N ASP B 55 21.32 22.63 17.31
CA ASP B 55 21.86 23.53 16.30
C ASP B 55 23.23 24.02 16.74
N GLY B 56 23.35 24.18 18.05
CA GLY B 56 24.60 24.59 18.68
C GLY B 56 25.64 23.54 18.38
N VAL B 57 25.31 22.25 18.65
CA VAL B 57 26.19 21.08 18.43
C VAL B 57 26.68 21.00 16.98
N GLN B 58 25.77 21.12 16.01
CA GLN B 58 26.12 21.06 14.60
C GLN B 58 26.97 22.25 14.19
N ARG B 59 26.76 23.42 14.80
CA ARG B 59 27.54 24.63 14.50
C ARG B 59 28.98 24.46 15.03
N ASN B 60 29.11 24.00 16.29
CA ASN B 60 30.36 23.79 17.01
C ASN B 60 31.08 22.51 16.60
N HIS B 61 30.42 21.62 15.84
CA HIS B 61 30.98 20.36 15.35
C HIS B 61 31.02 20.23 13.82
N GLU B 62 30.90 21.39 13.09
CA GLU B 62 30.90 21.41 11.64
C GLU B 62 32.06 20.61 11.04
N THR B 63 33.31 20.83 11.50
CA THR B 63 34.51 20.10 11.03
C THR B 63 34.34 18.58 11.18
N ALA B 64 34.07 18.09 12.43
CA ALA B 64 33.91 16.68 12.72
C ALA B 64 32.79 16.10 11.89
N PHE B 65 31.59 16.71 11.93
CA PHE B 65 30.40 16.25 11.22
C PHE B 65 30.61 16.24 9.70
N GLN B 66 31.28 17.24 9.13
CA GLN B 66 31.54 17.23 7.69
C GLN B 66 32.47 16.07 7.36
N GLY B 67 33.52 15.92 8.17
CA GLY B 67 34.51 14.87 8.04
C GLY B 67 33.89 13.50 8.01
N MET B 68 33.16 13.15 9.09
CA MET B 68 32.48 11.88 9.25
C MET B 68 31.41 11.66 8.19
N LEU B 69 30.62 12.70 7.85
CA LEU B 69 29.58 12.59 6.83
C LEU B 69 30.20 12.21 5.49
N ARG B 70 31.33 12.87 5.13
CA ARG B 70 32.06 12.58 3.88
C ARG B 70 32.65 11.16 3.94
N LYS B 71 33.14 10.72 5.10
CA LYS B 71 33.67 9.39 5.31
C LYS B 71 32.55 8.36 5.09
N LEU B 72 31.38 8.59 5.69
CA LEU B 72 30.21 7.70 5.58
C LEU B 72 29.75 7.53 4.14
N ASP B 73 29.89 8.59 3.31
CA ASP B 73 29.56 8.65 1.89
C ASP B 73 28.13 8.13 1.61
N ILE B 74 27.14 8.75 2.23
CA ILE B 74 25.75 8.36 2.07
C ILE B 74 25.28 8.81 0.69
N LYS B 75 24.89 7.86 -0.17
CA LYS B 75 24.40 8.11 -1.53
C LYS B 75 22.93 7.73 -1.73
N ASN B 76 22.48 6.64 -1.09
CA ASN B 76 21.11 6.13 -1.22
C ASN B 76 20.53 5.56 0.09
N GLU B 77 19.25 5.11 0.04
CA GLU B 77 18.47 4.50 1.13
C GLU B 77 19.20 3.32 1.78
N ASP B 78 19.87 2.49 0.99
CA ASP B 78 20.60 1.32 1.49
C ASP B 78 21.80 1.74 2.32
N ASP B 79 22.40 2.90 1.99
CA ASP B 79 23.53 3.47 2.73
C ASP B 79 23.04 3.95 4.10
N VAL B 80 21.80 4.51 4.15
CA VAL B 80 21.14 4.98 5.37
C VAL B 80 20.85 3.78 6.30
N LYS B 81 20.45 2.62 5.73
CA LYS B 81 20.17 1.43 6.51
C LYS B 81 21.41 0.90 7.17
N SER B 82 22.56 0.99 6.49
CA SER B 82 23.86 0.48 6.97
C SER B 82 24.41 1.26 8.16
N LEU B 83 23.86 2.43 8.38
CA LEU B 83 24.27 3.36 9.43
C LEU B 83 24.00 2.82 10.82
N SER B 84 22.94 2.02 10.96
CA SER B 84 22.50 1.48 12.22
C SER B 84 23.50 0.60 12.91
N ARG B 85 24.26 -0.33 12.24
CA ARG B 85 25.20 -1.11 13.06
C ARG B 85 26.27 -0.27 13.69
N VAL B 86 26.80 0.76 12.99
CA VAL B 86 27.81 1.65 13.56
C VAL B 86 27.23 2.44 14.69
N MET B 87 25.98 2.92 14.51
CA MET B 87 25.22 3.74 15.44
C MET B 87 25.04 3.00 16.76
N ILE B 88 24.61 1.70 16.73
CA ILE B 88 24.43 0.86 17.93
C ILE B 88 25.78 0.61 18.57
N HIS B 89 26.78 0.24 17.75
CA HIS B 89 28.12 -0.10 18.20
C HIS B 89 28.80 1.01 18.98
N VAL B 90 28.74 2.21 18.41
CA VAL B 90 29.33 3.40 18.99
C VAL B 90 28.48 3.91 20.14
N PHE B 91 27.19 4.26 19.89
CA PHE B 91 26.30 4.87 20.89
C PHE B 91 26.22 4.17 22.21
N SER B 92 26.27 2.86 22.22
CA SER B 92 26.34 2.22 23.50
C SER B 92 27.82 2.17 23.94
N ASP B 93 28.33 1.00 24.26
CA ASP B 93 29.69 0.73 24.70
C ASP B 93 30.13 1.47 26.01
N GLY B 94 30.16 2.80 26.05
CA GLY B 94 30.63 3.47 27.24
C GLY B 94 29.56 4.13 28.07
N VAL B 95 29.97 5.18 28.78
CA VAL B 95 29.09 5.94 29.66
C VAL B 95 28.02 6.69 28.84
N THR B 96 26.83 6.81 29.41
CA THR B 96 25.72 7.50 28.79
C THR B 96 25.43 8.79 29.56
N ASN B 97 25.22 9.87 28.83
CA ASN B 97 24.90 11.18 29.39
C ASN B 97 24.13 11.99 28.36
N TRP B 98 23.57 13.13 28.78
CA TRP B 98 22.78 13.99 27.91
C TRP B 98 23.56 14.57 26.75
N GLY B 99 24.85 14.84 26.96
CA GLY B 99 25.75 15.33 25.92
C GLY B 99 25.84 14.36 24.75
N ARG B 100 26.08 13.07 25.06
CA ARG B 100 26.16 11.99 24.10
C ARG B 100 24.80 11.82 23.37
N ILE B 101 23.68 11.90 24.12
CA ILE B 101 22.34 11.82 23.54
C ILE B 101 22.10 12.94 22.52
N VAL B 102 22.49 14.19 22.88
CA VAL B 102 22.36 15.34 21.98
C VAL B 102 23.21 15.18 20.73
N THR B 103 24.47 14.75 20.88
CA THR B 103 25.40 14.52 19.77
C THR B 103 24.82 13.49 18.78
N LEU B 104 24.23 12.40 19.30
CA LEU B 104 23.54 11.40 18.49
C LEU B 104 22.47 12.05 17.58
N ILE B 105 21.55 12.81 18.19
CA ILE B 105 20.46 13.47 17.48
C ILE B 105 20.97 14.55 16.51
N SER B 106 21.94 15.39 16.95
CA SER B 106 22.52 16.48 16.17
C SER B 106 23.22 15.94 14.95
N PHE B 107 23.97 14.84 15.10
CA PHE B 107 24.63 14.20 13.96
C PHE B 107 23.60 13.64 12.99
N GLY B 108 22.50 13.15 13.54
CA GLY B 108 21.35 12.64 12.79
C GLY B 108 20.72 13.75 11.98
N ALA B 109 20.54 14.94 12.61
CA ALA B 109 19.98 16.13 11.96
C ALA B 109 20.89 16.56 10.81
N PHE B 110 22.22 16.48 11.03
CA PHE B 110 23.25 16.84 10.05
C PHE B 110 23.17 15.90 8.82
N VAL B 111 23.02 14.57 9.07
CA VAL B 111 22.86 13.57 8.03
C VAL B 111 21.53 13.79 7.29
N ALA B 112 20.45 14.09 8.04
CA ALA B 112 19.14 14.38 7.45
C ALA B 112 19.24 15.55 6.48
N LYS B 113 19.98 16.61 6.85
CA LYS B 113 20.20 17.76 5.96
C LYS B 113 20.88 17.31 4.66
N HIS B 114 21.92 16.48 4.78
CA HIS B 114 22.63 15.92 3.65
C HIS B 114 21.68 15.13 2.75
N LEU B 115 20.80 14.33 3.37
CA LEU B 115 19.80 13.54 2.66
C LEU B 115 18.85 14.37 1.78
N LYS B 116 18.42 15.57 2.27
CA LYS B 116 17.54 16.45 1.48
C LYS B 116 18.30 16.94 0.24
N THR B 117 19.55 17.39 0.45
CA THR B 117 20.50 17.86 -0.57
C THR B 117 20.72 16.87 -1.73
N ILE B 118 20.78 15.58 -1.44
CA ILE B 118 21.05 14.54 -2.44
C ILE B 118 19.75 13.81 -2.91
N ASN B 119 18.59 14.50 -2.78
CA ASN B 119 17.27 14.00 -3.18
C ASN B 119 16.95 12.60 -2.59
N GLN B 120 17.16 12.48 -1.28
CA GLN B 120 16.90 11.25 -0.52
C GLN B 120 16.07 11.58 0.75
N GLU B 121 15.11 12.52 0.61
CA GLU B 121 14.21 12.99 1.65
C GLU B 121 13.35 11.84 2.24
N SER B 122 13.13 10.80 1.43
CA SER B 122 12.39 9.58 1.79
C SER B 122 13.06 8.76 2.92
N CYS B 123 14.36 9.00 3.18
CA CYS B 123 15.15 8.31 4.18
C CYS B 123 15.20 9.03 5.53
N ILE B 124 14.77 10.32 5.59
CA ILE B 124 14.77 11.11 6.82
C ILE B 124 13.90 10.46 7.92
N GLU B 125 12.63 10.11 7.61
CA GLU B 125 11.74 9.46 8.59
C GLU B 125 12.37 8.10 9.04
N PRO B 126 12.79 7.18 8.12
CA PRO B 126 13.50 5.96 8.57
C PRO B 126 14.74 6.23 9.45
N LEU B 127 15.54 7.27 9.13
CA LEU B 127 16.73 7.65 9.91
C LEU B 127 16.31 8.04 11.34
N ALA B 128 15.24 8.85 11.46
CA ALA B 128 14.65 9.28 12.73
C ALA B 128 14.25 8.04 13.54
N GLU B 129 13.66 7.05 12.86
CA GLU B 129 13.27 5.78 13.50
C GLU B 129 14.51 4.99 13.94
N SER B 130 15.60 4.99 13.12
CA SER B 130 16.85 4.30 13.48
C SER B 130 17.42 4.94 14.74
N ILE B 131 17.49 6.30 14.81
CA ILE B 131 18.02 7.04 15.96
C ILE B 131 17.20 6.76 17.23
N THR B 132 15.85 6.86 17.15
CA THR B 132 14.94 6.60 18.27
C THR B 132 15.12 5.16 18.74
N ASP B 133 15.21 4.17 17.82
CA ASP B 133 15.43 2.76 18.17
C ASP B 133 16.73 2.63 18.93
N VAL B 134 17.83 3.21 18.40
CA VAL B 134 19.13 3.16 19.04
C VAL B 134 19.06 3.81 20.43
N LEU B 135 18.47 5.02 20.53
CA LEU B 135 18.37 5.77 21.78
C LEU B 135 17.50 5.08 22.84
N VAL B 136 16.21 4.90 22.58
CA VAL B 136 15.26 4.34 23.55
C VAL B 136 15.55 2.87 23.91
N ARG B 137 15.77 2.01 22.92
CA ARG B 137 15.99 0.58 23.17
C ARG B 137 17.28 0.26 23.93
N THR B 138 18.33 1.10 23.78
CA THR B 138 19.58 0.86 24.50
C THR B 138 19.69 1.67 25.78
N LYS B 139 18.93 2.78 25.92
CA LYS B 139 19.03 3.62 27.11
C LYS B 139 17.68 3.88 27.84
N ARG B 140 16.66 2.99 27.72
CA ARG B 140 15.37 3.17 28.43
C ARG B 140 15.53 3.38 29.95
N ASP B 141 16.20 2.44 30.63
CA ASP B 141 16.41 2.49 32.10
C ASP B 141 17.05 3.81 32.53
N TRP B 142 18.12 4.24 31.81
CA TRP B 142 18.79 5.51 32.09
C TRP B 142 17.79 6.66 31.90
N LEU B 143 17.12 6.70 30.75
CA LEU B 143 16.16 7.71 30.39
C LEU B 143 15.05 7.84 31.41
N VAL B 144 14.43 6.72 31.89
CA VAL B 144 13.34 6.77 32.87
C VAL B 144 13.83 7.32 34.22
N LYS B 145 15.05 6.89 34.65
CA LYS B 145 15.69 7.34 35.88
C LYS B 145 16.04 8.84 35.81
N GLN B 146 16.24 9.38 34.59
CA GLN B 146 16.58 10.79 34.34
C GLN B 146 15.36 11.64 34.04
N ARG B 147 14.16 11.04 34.21
CA ARG B 147 12.86 11.69 34.01
C ARG B 147 12.61 12.02 32.54
N GLY B 148 13.22 11.23 31.64
CA GLY B 148 13.07 11.34 30.19
C GLY B 148 13.32 12.72 29.63
N TRP B 149 12.44 13.12 28.71
CA TRP B 149 12.55 14.42 28.04
C TRP B 149 12.46 15.61 29.00
N ASP B 150 11.81 15.44 30.17
CA ASP B 150 11.75 16.49 31.20
C ASP B 150 13.17 16.71 31.75
N GLY B 151 13.90 15.59 31.94
CA GLY B 151 15.30 15.60 32.36
C GLY B 151 16.19 16.29 31.34
N PHE B 152 15.98 16.02 30.00
CA PHE B 152 16.72 16.65 28.90
C PHE B 152 16.46 18.17 28.88
N VAL B 153 15.18 18.59 29.04
CA VAL B 153 14.76 19.99 29.04
C VAL B 153 15.43 20.73 30.20
N GLU B 154 15.43 20.10 31.39
CA GLU B 154 15.98 20.63 32.64
C GLU B 154 17.48 20.77 32.59
N PHE B 155 18.17 19.71 32.17
CA PHE B 155 19.62 19.66 32.02
C PHE B 155 20.14 20.76 31.07
N PHE B 156 19.38 21.06 30.02
CA PHE B 156 19.80 22.05 29.04
C PHE B 156 19.17 23.40 29.19
N HIS B 157 18.28 23.62 30.17
CA HIS B 157 17.71 24.96 30.35
C HIS B 157 18.83 26.03 30.43
N VAL B 158 18.69 27.17 29.68
CA VAL B 158 19.76 28.19 29.72
C VAL B 158 19.29 29.60 30.18
N GLU B 159 18.91 30.55 29.28
CA GLU B 159 18.58 31.96 29.56
C GLU B 159 19.73 32.70 30.34
N MET C 9 13.86 -19.55 -12.78
CA MET C 9 14.87 -18.52 -12.53
C MET C 9 15.64 -18.13 -13.80
N ASP C 10 15.68 -19.02 -14.80
CA ASP C 10 16.30 -18.83 -16.13
C ASP C 10 15.46 -17.78 -16.88
N LEU C 11 14.16 -18.06 -16.99
CA LEU C 11 13.12 -17.23 -17.61
C LEU C 11 12.90 -15.97 -16.76
N TYR C 12 12.89 -16.12 -15.41
CA TYR C 12 12.69 -15.01 -14.48
C TYR C 12 13.74 -13.92 -14.65
N ARG C 13 15.04 -14.28 -14.56
CA ARG C 13 16.15 -13.31 -14.68
C ARG C 13 16.12 -12.59 -16.05
N GLN C 14 15.80 -13.34 -17.11
CA GLN C 14 15.68 -12.82 -18.46
C GLN C 14 14.49 -11.86 -18.57
N SER C 15 13.29 -12.26 -18.06
CA SER C 15 12.07 -11.43 -18.06
C SER C 15 12.33 -10.14 -17.26
N LEU C 16 12.92 -10.27 -16.06
CA LEU C 16 13.25 -9.15 -15.18
C LEU C 16 14.15 -8.16 -15.86
N GLU C 17 15.14 -8.63 -16.65
CA GLU C 17 16.08 -7.79 -17.36
C GLU C 17 15.40 -7.02 -18.49
N ILE C 18 14.53 -7.70 -19.27
CA ILE C 18 13.79 -7.07 -20.37
C ILE C 18 12.78 -6.04 -19.83
N ILE C 19 11.92 -6.46 -18.87
CA ILE C 19 10.91 -5.61 -18.24
C ILE C 19 11.57 -4.43 -17.55
N SER C 20 12.59 -4.71 -16.72
CA SER C 20 13.34 -3.68 -16.01
C SER C 20 13.97 -2.66 -16.94
N ARG C 21 14.62 -3.12 -18.04
CA ARG C 21 15.22 -2.26 -19.05
C ARG C 21 14.16 -1.43 -19.73
N TYR C 22 13.08 -2.06 -20.19
CA TYR C 22 12.00 -1.35 -20.89
C TYR C 22 11.40 -0.24 -20.03
N LEU C 23 11.09 -0.57 -18.77
CA LEU C 23 10.51 0.38 -17.82
C LEU C 23 11.45 1.54 -17.55
N ARG C 24 12.75 1.25 -17.28
CA ARG C 24 13.76 2.27 -17.03
C ARG C 24 13.93 3.18 -18.23
N GLU C 25 14.00 2.62 -19.45
CA GLU C 25 14.19 3.49 -20.62
C GLU C 25 12.94 4.29 -20.97
N GLN C 26 11.74 3.76 -20.69
CA GLN C 26 10.50 4.51 -20.94
C GLN C 26 10.42 5.73 -20.01
N ALA C 27 10.81 5.52 -18.74
CA ALA C 27 10.83 6.51 -17.68
C ALA C 27 11.81 7.64 -17.96
N THR C 28 13.09 7.29 -18.18
CA THR C 28 14.22 8.20 -18.39
C THR C 28 14.34 8.78 -19.81
N GLY C 29 13.79 8.08 -20.80
CA GLY C 29 13.87 8.47 -22.20
C GLY C 29 15.19 8.08 -22.84
N ALA C 30 16.13 7.54 -22.04
CA ALA C 30 17.46 7.11 -22.46
C ALA C 30 17.60 5.59 -22.48
N LYS C 31 17.91 5.05 -23.67
CA LYS C 31 18.11 3.61 -23.89
C LYS C 31 19.38 3.15 -23.21
N ASP C 32 19.25 2.28 -22.18
CA ASP C 32 20.39 1.74 -21.44
C ASP C 32 21.04 0.65 -22.28
N THR C 33 22.28 0.90 -22.74
CA THR C 33 23.04 -0.04 -23.56
C THR C 33 24.35 -0.39 -22.85
N LYS C 34 24.38 -1.57 -22.21
CA LYS C 34 25.57 -2.08 -21.50
C LYS C 34 25.66 -3.64 -21.63
N PRO C 35 25.14 -4.54 -20.75
CA PRO C 35 25.31 -5.98 -21.01
C PRO C 35 24.18 -6.67 -21.78
N MET C 36 24.36 -7.98 -22.03
CA MET C 36 23.41 -8.87 -22.71
C MET C 36 23.42 -10.25 -22.01
N GLY C 37 23.00 -10.23 -20.74
CA GLY C 37 22.93 -11.37 -19.82
C GLY C 37 22.47 -12.75 -20.26
N ARG C 38 21.23 -13.09 -19.89
CA ARG C 38 20.46 -14.32 -20.07
C ARG C 38 19.88 -14.34 -21.51
N SER C 39 20.48 -15.16 -22.43
CA SER C 39 20.13 -15.26 -23.87
C SER C 39 20.15 -13.86 -24.50
N GLY C 40 21.36 -13.32 -24.63
CA GLY C 40 21.68 -11.97 -25.12
C GLY C 40 20.96 -11.46 -26.34
N ALA C 41 21.02 -12.20 -27.47
CA ALA C 41 20.35 -11.84 -28.73
C ALA C 41 18.84 -11.83 -28.58
N THR C 42 18.27 -12.86 -27.91
CA THR C 42 16.83 -12.97 -27.66
C THR C 42 16.36 -11.77 -26.83
N SER C 43 17.09 -11.42 -25.75
CA SER C 43 16.78 -10.28 -24.90
C SER C 43 16.84 -8.98 -25.66
N ARG C 44 17.90 -8.75 -26.48
CA ARG C 44 18.00 -7.53 -27.28
C ARG C 44 16.77 -7.42 -28.21
N LYS C 45 16.44 -8.53 -28.87
CA LYS C 45 15.32 -8.61 -29.79
C LYS C 45 13.97 -8.48 -29.08
N ALA C 46 13.82 -9.08 -27.88
CA ALA C 46 12.61 -9.00 -27.04
C ALA C 46 12.36 -7.55 -26.64
N LEU C 47 13.43 -6.81 -26.25
CA LEU C 47 13.39 -5.40 -25.89
C LEU C 47 12.99 -4.58 -27.11
N GLU C 48 13.53 -4.92 -28.31
CA GLU C 48 13.26 -4.20 -29.54
C GLU C 48 11.79 -4.32 -29.94
N THR C 49 11.21 -5.55 -29.84
CA THR C 49 9.80 -5.81 -30.15
C THR C 49 8.94 -5.11 -29.10
N LEU C 50 9.32 -5.24 -27.81
CA LEU C 50 8.62 -4.63 -26.69
C LEU C 50 8.55 -3.13 -26.85
N ARG C 51 9.64 -2.49 -27.31
CA ARG C 51 9.57 -1.05 -27.47
C ARG C 51 8.77 -0.66 -28.72
N ARG C 52 8.59 -1.54 -29.69
CA ARG C 52 7.75 -1.23 -30.87
C ARG C 52 6.23 -1.43 -30.54
N VAL C 53 5.88 -2.65 -30.10
CA VAL C 53 4.53 -3.06 -29.74
C VAL C 53 4.01 -2.31 -28.49
N GLY C 54 4.87 -2.24 -27.46
CA GLY C 54 4.59 -1.59 -26.18
C GLY C 54 4.28 -0.12 -26.32
N ASP C 55 5.00 0.59 -27.22
CA ASP C 55 4.77 2.01 -27.46
C ASP C 55 3.47 2.21 -28.21
N GLY C 56 3.07 1.23 -29.01
CA GLY C 56 1.81 1.25 -29.74
C GLY C 56 0.64 1.09 -28.80
N VAL C 57 0.72 0.10 -27.87
CA VAL C 57 -0.30 -0.13 -26.86
C VAL C 57 -0.53 1.17 -26.06
N GLN C 58 0.55 1.77 -25.57
CA GLN C 58 0.47 2.99 -24.79
C GLN C 58 -0.18 4.10 -25.55
N ARG C 59 0.19 4.24 -26.84
CA ARG C 59 -0.32 5.31 -27.70
C ARG C 59 -1.82 5.13 -27.93
N ASN C 60 -2.24 3.89 -28.24
CA ASN C 60 -3.63 3.52 -28.52
C ASN C 60 -4.52 3.41 -27.27
N HIS C 61 -3.94 3.56 -26.07
CA HIS C 61 -4.65 3.43 -24.81
C HIS C 61 -4.35 4.60 -23.89
N GLU C 62 -3.90 5.75 -24.43
CA GLU C 62 -3.56 6.92 -23.63
C GLU C 62 -4.71 7.34 -22.70
N THR C 63 -5.96 7.48 -23.22
CA THR C 63 -7.15 7.83 -22.43
C THR C 63 -7.39 6.84 -21.29
N ALA C 64 -7.46 5.53 -21.59
CA ALA C 64 -7.66 4.47 -20.59
C ALA C 64 -6.55 4.47 -19.55
N PHE C 65 -5.28 4.46 -20.00
CA PHE C 65 -4.11 4.47 -19.12
C PHE C 65 -4.11 5.69 -18.21
N GLN C 66 -4.39 6.91 -18.75
CA GLN C 66 -4.46 8.15 -17.95
C GLN C 66 -5.53 8.03 -16.89
N GLY C 67 -6.71 7.53 -17.30
CA GLY C 67 -7.85 7.31 -16.42
C GLY C 67 -7.51 6.43 -15.25
N MET C 68 -6.96 5.23 -15.58
CA MET C 68 -6.56 4.19 -14.62
C MET C 68 -5.47 4.65 -13.70
N LEU C 69 -4.48 5.37 -14.23
CA LEU C 69 -3.36 5.91 -13.47
C LEU C 69 -3.85 6.90 -12.43
N ARG C 70 -4.80 7.77 -12.83
CA ARG C 70 -5.43 8.79 -12.01
C ARG C 70 -6.18 8.09 -10.89
N LYS C 71 -6.94 7.03 -11.22
CA LYS C 71 -7.69 6.21 -10.26
C LYS C 71 -6.75 5.63 -9.23
N LEU C 72 -5.63 5.03 -9.68
CA LEU C 72 -4.64 4.40 -8.80
C LEU C 72 -4.04 5.37 -7.78
N ASP C 73 -3.87 6.65 -8.21
CA ASP C 73 -3.33 7.77 -7.43
C ASP C 73 -1.99 7.40 -6.74
N ILE C 74 -0.99 7.03 -7.55
CA ILE C 74 0.32 6.65 -7.03
C ILE C 74 1.07 7.91 -6.62
N LYS C 75 1.40 8.01 -5.31
CA LYS C 75 2.10 9.15 -4.73
C LYS C 75 3.50 8.82 -4.21
N ASN C 76 3.67 7.62 -3.63
CA ASN C 76 4.94 7.17 -3.06
C ASN C 76 5.22 5.66 -3.27
N GLU C 77 6.39 5.19 -2.78
CA GLU C 77 6.89 3.81 -2.83
C GLU C 77 5.90 2.80 -2.25
N ASP C 78 5.23 3.15 -1.16
CA ASP C 78 4.25 2.27 -0.53
C ASP C 78 3.01 2.08 -1.40
N ASP C 79 2.67 3.10 -2.22
CA ASP C 79 1.55 3.04 -3.18
C ASP C 79 1.90 2.07 -4.30
N VAL C 80 3.18 2.06 -4.71
CA VAL C 80 3.72 1.15 -5.74
C VAL C 80 3.66 -0.31 -5.24
N LYS C 81 3.95 -0.55 -3.95
CA LYS C 81 3.92 -1.89 -3.36
C LYS C 81 2.49 -2.41 -3.27
N SER C 82 1.50 -1.53 -3.05
CA SER C 82 0.09 -1.90 -2.94
C SER C 82 -0.54 -2.36 -4.26
N LEU C 83 0.11 -1.99 -5.36
CA LEU C 83 -0.31 -2.30 -6.72
C LEU C 83 -0.34 -3.78 -6.99
N SER C 84 0.52 -4.57 -6.30
CA SER C 84 0.63 -6.01 -6.56
C SER C 84 -0.65 -6.78 -6.33
N ARG C 85 -1.50 -6.50 -5.29
CA ARG C 85 -2.72 -7.32 -5.23
C ARG C 85 -3.65 -7.09 -6.40
N VAL C 86 -3.76 -5.83 -6.91
CA VAL C 86 -4.60 -5.53 -8.08
C VAL C 86 -4.04 -6.20 -9.29
N MET C 87 -2.72 -6.08 -9.48
CA MET C 87 -1.98 -6.66 -10.61
C MET C 87 -2.24 -8.16 -10.69
N ILE C 88 -2.06 -8.94 -9.57
CA ILE C 88 -2.29 -10.39 -9.56
C ILE C 88 -3.72 -10.66 -9.87
N HIS C 89 -4.64 -9.95 -9.20
CA HIS C 89 -6.08 -10.14 -9.36
C HIS C 89 -6.59 -10.01 -10.82
N VAL C 90 -6.18 -8.93 -11.50
CA VAL C 90 -6.55 -8.58 -12.85
C VAL C 90 -5.77 -9.41 -13.87
N PHE C 91 -4.47 -9.59 -13.67
CA PHE C 91 -3.65 -10.27 -14.67
C PHE C 91 -3.93 -11.74 -14.79
N SER C 92 -4.04 -12.41 -13.65
CA SER C 92 -4.46 -13.80 -13.59
C SER C 92 -5.98 -13.65 -13.76
N ASP C 93 -6.74 -14.72 -13.86
CA ASP C 93 -8.19 -14.60 -14.16
C ASP C 93 -8.37 -14.18 -15.63
N GLY C 94 -8.82 -15.10 -16.46
CA GLY C 94 -9.05 -14.86 -17.87
C GLY C 94 -8.02 -15.51 -18.76
N VAL C 95 -8.24 -15.33 -20.07
CA VAL C 95 -7.37 -15.91 -21.08
C VAL C 95 -5.99 -15.23 -21.11
N THR C 96 -4.96 -16.01 -21.43
CA THR C 96 -3.60 -15.52 -21.50
C THR C 96 -3.12 -15.59 -22.97
N ASN C 97 -2.54 -14.49 -23.43
CA ASN C 97 -2.00 -14.34 -24.77
C ASN C 97 -0.94 -13.27 -24.74
N TRP C 98 -0.16 -13.15 -25.82
CA TRP C 98 0.91 -12.17 -25.95
C TRP C 98 0.43 -10.75 -25.90
N GLY C 99 -0.77 -10.50 -26.40
CA GLY C 99 -1.40 -9.18 -26.34
C GLY C 99 -1.59 -8.69 -24.92
N ARG C 100 -2.16 -9.55 -24.03
CA ARG C 100 -2.36 -9.30 -22.60
C ARG C 100 -1.03 -9.09 -21.90
N ILE C 101 -0.03 -9.91 -22.23
CA ILE C 101 1.31 -9.78 -21.66
C ILE C 101 1.90 -8.42 -22.05
N VAL C 102 1.77 -7.98 -23.33
CA VAL C 102 2.26 -6.67 -23.76
C VAL C 102 1.52 -5.54 -23.04
N THR C 103 0.17 -5.61 -22.91
CA THR C 103 -0.65 -4.63 -22.19
C THR C 103 -0.21 -4.47 -20.72
N LEU C 104 0.06 -5.62 -20.02
CA LEU C 104 0.55 -5.63 -18.63
C LEU C 104 1.89 -4.82 -18.53
N ILE C 105 2.84 -5.07 -19.44
CA ILE C 105 4.14 -4.40 -19.46
C ILE C 105 3.99 -2.92 -19.88
N SER C 106 3.19 -2.63 -20.94
CA SER C 106 2.96 -1.28 -21.46
C SER C 106 2.33 -0.42 -20.37
N PHE C 107 1.38 -0.98 -19.59
CA PHE C 107 0.79 -0.20 -18.49
C PHE C 107 1.83 0.09 -17.42
N GLY C 108 2.67 -0.92 -17.17
CA GLY C 108 3.79 -0.81 -16.24
C GLY C 108 4.73 0.30 -16.66
N ALA C 109 5.04 0.36 -17.96
CA ALA C 109 5.89 1.39 -18.56
C ALA C 109 5.25 2.76 -18.35
N PHE C 110 3.90 2.83 -18.51
CA PHE C 110 3.10 4.04 -18.35
C PHE C 110 3.20 4.55 -16.89
N VAL C 111 3.04 3.63 -15.90
CA VAL C 111 3.16 3.90 -14.47
C VAL C 111 4.61 4.34 -14.17
N ALA C 112 5.60 3.65 -14.75
CA ALA C 112 7.01 3.99 -14.57
C ALA C 112 7.27 5.42 -15.02
N LYS C 113 6.69 5.85 -16.17
CA LYS C 113 6.80 7.23 -16.66
C LYS C 113 6.24 8.20 -15.62
N HIS C 114 5.07 7.89 -15.06
CA HIS C 114 4.43 8.67 -14.02
C HIS C 114 5.36 8.78 -12.79
N LEU C 115 5.99 7.66 -12.40
CA LEU C 115 6.92 7.62 -11.30
C LEU C 115 8.13 8.56 -11.45
N LYS C 116 8.69 8.71 -12.67
CA LYS C 116 9.81 9.62 -12.93
C LYS C 116 9.34 11.06 -12.72
N THR C 117 8.17 11.39 -13.29
CA THR C 117 7.49 12.69 -13.21
C THR C 117 7.27 13.18 -11.77
N ILE C 118 6.92 12.27 -10.83
CA ILE C 118 6.62 12.62 -9.45
C ILE C 118 7.81 12.36 -8.49
N ASN C 119 9.05 12.36 -9.06
CA ASN C 119 10.31 12.14 -8.34
C ASN C 119 10.27 10.85 -7.46
N GLN C 120 9.86 9.75 -8.10
CA GLN C 120 9.78 8.42 -7.47
C GLN C 120 10.47 7.37 -8.37
N GLU C 121 11.59 7.76 -9.02
CA GLU C 121 12.42 6.95 -9.92
C GLU C 121 12.94 5.68 -9.22
N SER C 122 13.14 5.76 -7.89
CA SER C 122 13.59 4.68 -7.01
C SER C 122 12.61 3.47 -6.97
N CYS C 123 11.35 3.68 -7.41
CA CYS C 123 10.29 2.66 -7.43
C CYS C 123 10.16 1.94 -8.75
N ILE C 124 10.80 2.44 -9.82
CA ILE C 124 10.75 1.83 -11.15
C ILE C 124 11.33 0.40 -11.13
N GLU C 125 12.53 0.19 -10.55
CA GLU C 125 13.12 -1.15 -10.44
C GLU C 125 12.17 -2.08 -9.60
N PRO C 126 11.72 -1.69 -8.38
CA PRO C 126 10.73 -2.52 -7.66
C PRO C 126 9.46 -2.84 -8.46
N LEU C 127 8.92 -1.85 -9.22
CA LEU C 127 7.73 -2.03 -10.06
C LEU C 127 8.00 -3.10 -11.13
N ALA C 128 9.18 -3.02 -11.80
CA ALA C 128 9.63 -3.98 -12.80
C ALA C 128 9.67 -5.37 -12.16
N GLU C 129 10.14 -5.48 -10.90
CA GLU C 129 10.18 -6.73 -10.15
C GLU C 129 8.76 -7.21 -9.84
N SER C 130 7.82 -6.30 -9.48
CA SER C 130 6.41 -6.64 -9.22
C SER C 130 5.79 -7.22 -10.50
N ILE C 131 6.00 -6.56 -11.66
CA ILE C 131 5.45 -7.01 -12.94
C ILE C 131 6.00 -8.38 -13.33
N THR C 132 7.35 -8.57 -13.27
CA THR C 132 8.03 -9.84 -13.57
C THR C 132 7.48 -10.93 -12.65
N ASP C 133 7.33 -10.65 -11.34
CA ASP C 133 6.79 -11.63 -10.38
C ASP C 133 5.38 -12.04 -10.80
N VAL C 134 4.52 -11.08 -11.10
CA VAL C 134 3.16 -11.34 -11.54
C VAL C 134 3.17 -12.10 -12.88
N LEU C 135 3.99 -11.69 -13.84
CA LEU C 135 4.06 -12.34 -15.14
C LEU C 135 4.62 -13.78 -15.10
N VAL C 136 5.85 -13.92 -14.62
CA VAL C 136 6.63 -15.16 -14.63
C VAL C 136 6.14 -16.18 -13.63
N ARG C 137 5.54 -15.72 -12.54
CA ARG C 137 5.21 -16.72 -11.55
C ARG C 137 3.75 -17.16 -11.66
N THR C 138 2.93 -16.45 -12.50
CA THR C 138 1.54 -16.88 -12.78
C THR C 138 1.41 -17.47 -14.16
N LYS C 139 2.38 -17.25 -15.08
CA LYS C 139 2.29 -17.76 -16.46
C LYS C 139 3.51 -18.56 -16.96
N ARG C 140 4.41 -19.05 -16.04
CA ARG C 140 5.61 -19.84 -16.45
C ARG C 140 5.30 -20.93 -17.49
N ASP C 141 4.35 -21.85 -17.18
CA ASP C 141 3.98 -22.96 -18.07
C ASP C 141 3.60 -22.47 -19.46
N TRP C 142 2.73 -21.43 -19.55
CA TRP C 142 2.31 -20.85 -20.82
C TRP C 142 3.53 -20.30 -21.55
N LEU C 143 4.34 -19.49 -20.85
CA LEU C 143 5.55 -18.87 -21.38
C LEU C 143 6.55 -19.89 -21.95
N VAL C 144 6.86 -20.98 -21.19
CA VAL C 144 7.79 -22.02 -21.66
C VAL C 144 7.25 -22.73 -22.92
N LYS C 145 5.93 -23.02 -22.96
CA LYS C 145 5.26 -23.67 -24.08
C LYS C 145 5.28 -22.77 -25.31
N GLN C 146 5.40 -21.45 -25.10
CA GLN C 146 5.43 -20.43 -26.15
C GLN C 146 6.85 -20.08 -26.56
N ARG C 147 7.84 -20.82 -26.02
CA ARG C 147 9.28 -20.62 -26.26
C ARG C 147 9.78 -19.30 -25.68
N GLY C 148 9.21 -18.89 -24.55
CA GLY C 148 9.54 -17.66 -23.83
C GLY C 148 9.56 -16.45 -24.72
N TRP C 149 10.62 -15.64 -24.59
CA TRP C 149 10.82 -14.39 -25.33
C TRP C 149 11.08 -14.61 -26.80
N ASP C 150 11.60 -15.79 -27.19
CA ASP C 150 11.81 -16.16 -28.61
C ASP C 150 10.44 -16.20 -29.28
N GLY C 151 9.47 -16.75 -28.54
CA GLY C 151 8.09 -16.84 -28.96
C GLY C 151 7.49 -15.48 -29.17
N PHE C 152 7.67 -14.59 -28.16
CA PHE C 152 7.24 -13.19 -28.18
C PHE C 152 7.74 -12.52 -29.46
N VAL C 153 9.09 -12.54 -29.65
CA VAL C 153 9.81 -11.99 -30.81
C VAL C 153 9.19 -12.46 -32.15
N GLU C 154 9.01 -13.80 -32.32
CA GLU C 154 8.38 -14.42 -33.52
C GLU C 154 6.92 -13.97 -33.69
N PHE C 155 6.10 -13.98 -32.59
CA PHE C 155 4.70 -13.58 -32.57
C PHE C 155 4.52 -12.17 -33.07
N PHE C 156 5.45 -11.24 -32.76
CA PHE C 156 5.23 -9.86 -33.14
C PHE C 156 5.92 -9.43 -34.47
N HIS C 157 6.91 -10.20 -35.04
CA HIS C 157 7.52 -9.86 -36.35
C HIS C 157 6.43 -9.66 -37.44
N MET D 9 -31.49 20.86 -20.11
CA MET D 9 -32.56 19.85 -20.26
C MET D 9 -32.85 19.50 -21.74
N ASP D 10 -32.53 20.43 -22.66
CA ASP D 10 -32.65 20.29 -24.12
C ASP D 10 -31.61 19.24 -24.58
N LEU D 11 -30.33 19.50 -24.23
CA LEU D 11 -29.16 18.68 -24.48
C LEU D 11 -29.25 17.40 -23.63
N TYR D 12 -29.70 17.50 -22.37
CA TYR D 12 -29.86 16.36 -21.47
C TYR D 12 -30.80 15.28 -22.02
N ARG D 13 -32.06 15.65 -22.37
CA ARG D 13 -33.05 14.71 -22.90
C ARG D 13 -32.54 14.03 -24.18
N GLN D 14 -31.87 14.81 -25.04
CA GLN D 14 -31.31 14.32 -26.28
C GLN D 14 -30.14 13.33 -26.01
N SER D 15 -29.19 13.71 -25.12
CA SER D 15 -28.05 12.87 -24.73
C SER D 15 -28.56 11.57 -24.12
N LEU D 16 -29.53 11.66 -23.18
CA LEU D 16 -30.14 10.52 -22.52
C LEU D 16 -30.75 9.54 -23.50
N GLU D 17 -31.42 10.05 -24.55
CA GLU D 17 -32.06 9.22 -25.58
C GLU D 17 -31.01 8.49 -26.43
N ILE D 18 -29.93 9.18 -26.83
CA ILE D 18 -28.86 8.59 -27.64
C ILE D 18 -28.10 7.54 -26.82
N ILE D 19 -27.61 7.94 -25.61
CA ILE D 19 -26.85 7.06 -24.71
C ILE D 19 -27.70 5.85 -24.31
N SER D 20 -28.96 6.11 -23.88
CA SER D 20 -29.89 5.06 -23.49
C SER D 20 -30.15 4.08 -24.61
N ARG D 21 -30.40 4.58 -25.85
CA ARG D 21 -30.61 3.74 -27.03
C ARG D 21 -29.39 2.92 -27.34
N TYR D 22 -28.20 3.57 -27.39
CA TYR D 22 -26.96 2.87 -27.68
C TYR D 22 -26.68 1.74 -26.71
N LEU D 23 -26.81 2.02 -25.41
CA LEU D 23 -26.58 1.05 -24.34
C LEU D 23 -27.54 -0.12 -24.43
N ARG D 24 -28.86 0.17 -24.59
CA ARG D 24 -29.89 -0.86 -24.73
C ARG D 24 -29.63 -1.73 -25.96
N GLU D 25 -29.30 -1.14 -27.13
CA GLU D 25 -29.07 -1.97 -28.32
C GLU D 25 -27.78 -2.76 -28.24
N GLN D 26 -26.74 -2.24 -27.56
CA GLN D 26 -25.48 -2.98 -27.40
C GLN D 26 -25.69 -4.21 -26.53
N ALA D 27 -26.48 -4.04 -25.47
CA ALA D 27 -26.84 -5.08 -24.51
C ALA D 27 -27.65 -6.21 -25.14
N THR D 28 -28.79 -5.85 -25.78
CA THR D 28 -29.77 -6.76 -26.36
C THR D 28 -29.41 -7.28 -27.76
N GLY D 29 -28.56 -6.56 -28.48
CA GLY D 29 -28.16 -6.90 -29.84
C GLY D 29 -29.20 -6.50 -30.88
N ALA D 30 -30.36 -5.98 -30.41
CA ALA D 30 -31.49 -5.55 -31.24
C ALA D 30 -31.62 -4.04 -31.27
N LYS D 31 -31.52 -3.45 -32.48
CA LYS D 31 -31.64 -2.01 -32.72
C LYS D 31 -33.07 -1.56 -32.51
N ASP D 32 -33.29 -0.71 -31.50
CA ASP D 32 -34.61 -0.17 -31.19
C ASP D 32 -34.92 0.94 -32.18
N THR D 33 -35.93 0.71 -33.04
CA THR D 33 -36.35 1.67 -34.06
C THR D 33 -37.83 1.99 -33.84
N LYS D 34 -38.09 3.17 -33.22
CA LYS D 34 -39.45 3.65 -32.96
C LYS D 34 -39.49 5.20 -33.08
N PRO D 35 -39.34 6.09 -32.03
CA PRO D 35 -39.46 7.52 -32.30
C PRO D 35 -38.15 8.26 -32.58
N MET D 36 -38.28 9.58 -32.83
CA MET D 36 -37.19 10.51 -33.08
C MET D 36 -37.43 11.84 -32.34
N GLY D 37 -37.47 11.72 -31.01
CA GLY D 37 -37.68 12.82 -30.07
C GLY D 37 -36.45 13.67 -29.89
N ARG D 38 -36.68 14.98 -29.66
CA ARG D 38 -35.71 16.08 -29.54
C ARG D 38 -35.29 16.44 -31.00
N SER D 39 -33.97 16.58 -31.28
CA SER D 39 -33.54 16.85 -32.64
C SER D 39 -33.47 15.48 -33.33
N GLY D 40 -34.61 15.04 -33.90
CA GLY D 40 -34.79 13.75 -34.58
C GLY D 40 -33.66 13.25 -35.47
N ALA D 41 -33.30 14.04 -36.52
CA ALA D 41 -32.23 13.69 -37.46
C ALA D 41 -30.88 13.67 -36.75
N THR D 42 -30.62 14.66 -35.85
CA THR D 42 -29.39 14.76 -35.06
C THR D 42 -29.21 13.52 -34.20
N SER D 43 -30.25 13.14 -33.44
CA SER D 43 -30.28 11.95 -32.58
C SER D 43 -30.06 10.67 -33.37
N ARG D 44 -30.72 10.50 -34.55
CA ARG D 44 -30.54 9.29 -35.39
C ARG D 44 -29.10 9.19 -35.87
N LYS D 45 -28.56 10.32 -36.37
CA LYS D 45 -27.21 10.44 -36.88
C LYS D 45 -26.16 10.24 -35.80
N ALA D 46 -26.39 10.81 -34.59
CA ALA D 46 -25.52 10.71 -33.42
C ALA D 46 -25.39 9.26 -33.01
N LEU D 47 -26.52 8.52 -33.00
CA LEU D 47 -26.61 7.10 -32.68
C LEU D 47 -25.90 6.27 -33.71
N GLU D 48 -25.96 6.67 -35.01
CA GLU D 48 -25.31 5.97 -36.14
C GLU D 48 -23.79 6.10 -36.03
N THR D 49 -23.32 7.31 -35.69
CA THR D 49 -21.90 7.64 -35.49
C THR D 49 -21.40 6.85 -34.28
N LEU D 50 -22.17 6.91 -33.18
CA LEU D 50 -21.87 6.26 -31.93
C LEU D 50 -21.72 4.77 -32.10
N ARG D 51 -22.59 4.15 -32.92
CA ARG D 51 -22.45 2.72 -33.09
C ARG D 51 -21.28 2.36 -33.99
N ARG D 52 -20.78 3.27 -34.80
CA ARG D 52 -19.59 2.99 -35.63
C ARG D 52 -18.29 3.19 -34.80
N VAL D 53 -18.12 4.40 -34.25
CA VAL D 53 -16.97 4.79 -33.43
C VAL D 53 -16.90 4.00 -32.11
N GLY D 54 -18.05 3.91 -31.42
CA GLY D 54 -18.22 3.20 -30.15
C GLY D 54 -17.87 1.73 -30.21
N ASP D 55 -18.24 1.07 -31.33
CA ASP D 55 -17.92 -0.35 -31.50
C ASP D 55 -16.41 -0.49 -31.77
N GLY D 56 -15.86 0.50 -32.46
CA GLY D 56 -14.42 0.56 -32.75
C GLY D 56 -13.64 0.68 -31.46
N VAL D 57 -14.07 1.60 -30.54
CA VAL D 57 -13.45 1.80 -29.22
C VAL D 57 -13.45 0.50 -28.41
N GLN D 58 -14.58 -0.19 -28.36
CA GLN D 58 -14.66 -1.44 -27.61
C GLN D 58 -13.79 -2.52 -28.18
N ARG D 59 -13.71 -2.58 -29.51
CA ARG D 59 -12.89 -3.56 -30.22
C ARG D 59 -11.41 -3.36 -29.88
N ASN D 60 -10.94 -2.09 -29.95
CA ASN D 60 -9.55 -1.68 -29.69
C ASN D 60 -9.17 -1.61 -28.23
N HIS D 61 -10.12 -1.84 -27.31
CA HIS D 61 -9.90 -1.74 -25.88
C HIS D 61 -10.45 -2.96 -25.15
N GLU D 62 -10.64 -4.09 -25.87
CA GLU D 62 -11.19 -5.29 -25.27
C GLU D 62 -10.44 -5.75 -24.00
N THR D 63 -9.10 -5.84 -24.06
CA THR D 63 -8.25 -6.24 -22.93
C THR D 63 -8.44 -5.30 -21.73
N ALA D 64 -8.27 -3.97 -21.95
CA ALA D 64 -8.44 -2.95 -20.91
C ALA D 64 -9.85 -3.00 -20.33
N PHE D 65 -10.90 -2.96 -21.19
CA PHE D 65 -12.30 -3.03 -20.77
C PHE D 65 -12.61 -4.28 -19.96
N GLN D 66 -12.12 -5.47 -20.41
CA GLN D 66 -12.32 -6.73 -19.67
C GLN D 66 -11.68 -6.64 -18.29
N GLY D 67 -10.45 -6.13 -18.24
CA GLY D 67 -9.67 -5.93 -17.04
C GLY D 67 -10.40 -5.06 -16.04
N MET D 68 -10.85 -3.87 -16.49
CA MET D 68 -11.57 -2.87 -15.71
C MET D 68 -12.90 -3.40 -15.21
N LEU D 69 -13.65 -4.07 -16.07
CA LEU D 69 -14.94 -4.67 -15.75
C LEU D 69 -14.79 -5.70 -14.63
N ARG D 70 -13.63 -6.38 -14.59
CA ARG D 70 -13.36 -7.40 -13.60
C ARG D 70 -13.03 -6.74 -12.27
N LYS D 71 -12.25 -5.63 -12.29
CA LYS D 71 -11.91 -4.90 -11.06
C LYS D 71 -13.19 -4.29 -10.44
N LEU D 72 -14.12 -3.74 -11.28
CA LEU D 72 -15.39 -3.18 -10.84
C LEU D 72 -16.26 -4.24 -10.17
N ASP D 73 -16.19 -5.49 -10.66
CA ASP D 73 -16.92 -6.62 -10.13
C ASP D 73 -18.43 -6.29 -9.94
N ILE D 74 -19.07 -5.87 -11.01
CA ILE D 74 -20.49 -5.52 -10.97
C ILE D 74 -21.32 -6.79 -10.86
N LYS D 75 -22.07 -6.92 -9.74
CA LYS D 75 -22.91 -8.08 -9.46
C LYS D 75 -24.41 -7.76 -9.47
N ASN D 76 -24.78 -6.58 -8.95
CA ASN D 76 -26.17 -6.15 -8.82
C ASN D 76 -26.39 -4.64 -9.06
N GLU D 77 -27.66 -4.20 -8.99
CA GLU D 77 -28.14 -2.82 -9.16
C GLU D 77 -27.43 -1.82 -8.24
N ASP D 78 -27.15 -2.21 -6.99
CA ASP D 78 -26.46 -1.36 -6.02
C ASP D 78 -25.00 -1.12 -6.43
N ASP D 79 -24.39 -2.10 -7.13
CA ASP D 79 -23.01 -2.00 -7.66
C ASP D 79 -22.99 -1.01 -8.81
N VAL D 80 -24.06 -1.00 -9.63
CA VAL D 80 -24.25 -0.07 -10.75
C VAL D 80 -24.41 1.38 -10.21
N LYS D 81 -25.11 1.58 -9.06
CA LYS D 81 -25.29 2.90 -8.47
C LYS D 81 -23.99 3.45 -7.96
N SER D 82 -23.12 2.59 -7.39
CA SER D 82 -21.81 2.96 -6.84
C SER D 82 -20.81 3.45 -7.91
N LEU D 83 -21.05 3.12 -9.17
CA LEU D 83 -20.22 3.45 -10.30
C LEU D 83 -20.12 4.96 -10.51
N SER D 84 -21.17 5.72 -10.12
CA SER D 84 -21.19 7.14 -10.35
C SER D 84 -20.06 7.90 -9.65
N ARG D 85 -19.65 7.59 -8.39
CA ARG D 85 -18.54 8.42 -7.88
C ARG D 85 -17.26 8.21 -8.63
N VAL D 86 -16.96 6.96 -9.10
CA VAL D 86 -15.78 6.67 -9.92
C VAL D 86 -15.88 7.38 -11.24
N MET D 87 -17.06 7.27 -11.88
CA MET D 87 -17.33 7.94 -13.15
C MET D 87 -17.09 9.44 -13.10
N ILE D 88 -17.62 10.16 -12.07
CA ILE D 88 -17.43 11.62 -11.95
C ILE D 88 -15.96 11.91 -11.73
N HIS D 89 -15.33 11.10 -10.83
CA HIS D 89 -13.93 11.27 -10.47
C HIS D 89 -12.94 11.15 -11.66
N VAL D 90 -13.12 10.09 -12.45
CA VAL D 90 -12.32 9.75 -13.60
C VAL D 90 -12.66 10.66 -14.75
N PHE D 91 -13.96 10.78 -15.14
CA PHE D 91 -14.39 11.53 -16.34
C PHE D 91 -14.06 12.99 -16.35
N SER D 92 -14.07 13.64 -15.20
CA SER D 92 -13.62 15.01 -15.23
C SER D 92 -12.09 14.99 -15.10
N ASP D 93 -11.54 15.73 -14.15
CA ASP D 93 -10.13 15.83 -13.84
C ASP D 93 -9.20 16.34 -15.01
N GLY D 94 -9.09 15.65 -16.16
CA GLY D 94 -8.21 16.09 -17.24
C GLY D 94 -8.86 16.79 -18.42
N VAL D 95 -8.18 16.69 -19.59
CA VAL D 95 -8.63 17.28 -20.85
C VAL D 95 -9.91 16.62 -21.40
N THR D 96 -10.78 17.42 -22.00
CA THR D 96 -12.03 16.97 -22.58
C THR D 96 -11.98 17.10 -24.13
N ASN D 97 -12.36 16.01 -24.80
CA ASN D 97 -12.44 15.90 -26.24
C ASN D 97 -13.48 14.84 -26.58
N TRP D 98 -13.85 14.77 -27.87
CA TRP D 98 -14.83 13.80 -28.35
C TRP D 98 -14.40 12.37 -28.18
N GLY D 99 -13.09 12.10 -28.28
CA GLY D 99 -12.52 10.79 -28.06
C GLY D 99 -12.83 10.26 -26.67
N ARG D 100 -12.58 11.10 -25.62
CA ARG D 100 -12.85 10.80 -24.22
C ARG D 100 -14.35 10.59 -24.02
N ILE D 101 -15.19 11.45 -24.62
CA ILE D 101 -16.65 11.31 -24.54
C ILE D 101 -17.09 9.96 -25.14
N VAL D 102 -16.57 9.59 -26.32
CA VAL D 102 -16.87 8.30 -26.94
C VAL D 102 -16.40 7.14 -26.06
N THR D 103 -15.19 7.24 -25.48
CA THR D 103 -14.64 6.20 -24.61
C THR D 103 -15.53 5.93 -23.42
N LEU D 104 -16.02 7.01 -22.74
CA LEU D 104 -16.94 6.97 -21.59
C LEU D 104 -18.17 6.18 -21.97
N ILE D 105 -18.88 6.58 -23.07
CA ILE D 105 -20.06 5.89 -23.61
C ILE D 105 -19.76 4.42 -24.03
N SER D 106 -18.63 4.16 -24.73
CA SER D 106 -18.23 2.82 -25.18
C SER D 106 -17.98 1.91 -23.99
N PHE D 107 -17.34 2.42 -22.91
CA PHE D 107 -17.13 1.64 -21.70
C PHE D 107 -18.47 1.36 -21.02
N GLY D 108 -19.38 2.33 -21.10
CA GLY D 108 -20.74 2.17 -20.60
C GLY D 108 -21.47 1.09 -21.36
N ALA D 109 -21.32 1.07 -22.69
CA ALA D 109 -21.93 0.05 -23.57
C ALA D 109 -21.36 -1.32 -23.20
N PHE D 110 -20.05 -1.39 -22.91
CA PHE D 110 -19.33 -2.60 -22.51
C PHE D 110 -19.90 -3.15 -21.18
N VAL D 111 -20.11 -2.27 -20.19
CA VAL D 111 -20.69 -2.58 -18.88
C VAL D 111 -22.16 -3.01 -19.09
N ALA D 112 -22.91 -2.30 -19.95
CA ALA D 112 -24.30 -2.65 -20.25
C ALA D 112 -24.38 -4.08 -20.80
N LYS D 113 -23.44 -4.46 -21.70
CA LYS D 113 -23.38 -5.82 -22.24
C LYS D 113 -23.20 -6.82 -21.10
N HIS D 114 -22.26 -6.53 -20.16
CA HIS D 114 -22.00 -7.35 -18.98
C HIS D 114 -23.26 -7.50 -18.15
N LEU D 115 -24.00 -6.41 -17.96
CA LEU D 115 -25.26 -6.38 -17.23
C LEU D 115 -26.32 -7.34 -17.81
N LYS D 116 -26.44 -7.44 -19.16
CA LYS D 116 -27.40 -8.34 -19.79
C LYS D 116 -27.00 -9.80 -19.46
N THR D 117 -25.70 -10.10 -19.63
CA THR D 117 -25.07 -11.39 -19.35
C THR D 117 -25.35 -11.93 -17.93
N ILE D 118 -25.33 -11.05 -16.92
CA ILE D 118 -25.52 -11.44 -15.52
C ILE D 118 -26.95 -11.20 -15.02
N ASN D 119 -27.94 -11.21 -15.95
CA ASN D 119 -29.37 -11.03 -15.70
C ASN D 119 -29.67 -9.75 -14.84
N GLN D 120 -29.08 -8.63 -15.28
CA GLN D 120 -29.24 -7.33 -14.64
C GLN D 120 -29.59 -6.27 -15.69
N GLU D 121 -30.43 -6.66 -16.68
CA GLU D 121 -30.93 -5.81 -17.78
C GLU D 121 -31.68 -4.56 -17.28
N SER D 122 -32.29 -4.66 -16.08
CA SER D 122 -33.00 -3.61 -15.36
C SER D 122 -32.10 -2.42 -14.98
N CYS D 123 -30.78 -2.60 -14.98
CA CYS D 123 -29.78 -1.56 -14.63
C CYS D 123 -29.26 -0.80 -15.80
N ILE D 124 -29.50 -1.28 -17.04
CA ILE D 124 -29.01 -0.62 -18.25
C ILE D 124 -29.57 0.81 -18.39
N GLU D 125 -30.90 1.01 -18.26
CA GLU D 125 -31.49 2.35 -18.33
C GLU D 125 -30.93 3.25 -17.18
N PRO D 126 -30.91 2.81 -15.89
CA PRO D 126 -30.26 3.64 -14.84
C PRO D 126 -28.78 3.98 -15.14
N LEU D 127 -28.00 3.02 -15.72
CA LEU D 127 -26.60 3.23 -16.09
C LEU D 127 -26.49 4.33 -17.14
N ALA D 128 -27.36 4.27 -18.18
CA ALA D 128 -27.47 5.26 -19.24
C ALA D 128 -27.74 6.63 -18.60
N GLU D 129 -28.63 6.69 -17.58
CA GLU D 129 -28.92 7.93 -16.86
C GLU D 129 -27.68 8.42 -16.07
N SER D 130 -26.92 7.48 -15.45
CA SER D 130 -25.69 7.81 -14.73
C SER D 130 -24.66 8.44 -15.70
N ILE D 131 -24.45 7.79 -16.88
CA ILE D 131 -23.52 8.29 -17.89
C ILE D 131 -23.94 9.66 -18.41
N THR D 132 -25.22 9.86 -18.79
CA THR D 132 -25.77 11.14 -19.25
C THR D 132 -25.56 12.21 -18.19
N ASP D 133 -25.89 11.91 -16.91
CA ASP D 133 -25.67 12.84 -15.80
C ASP D 133 -24.20 13.25 -15.74
N VAL D 134 -23.27 12.27 -15.75
CA VAL D 134 -21.83 12.54 -15.72
C VAL D 134 -21.38 13.35 -16.97
N LEU D 135 -21.73 12.88 -18.18
CA LEU D 135 -21.34 13.57 -19.40
C LEU D 135 -21.90 15.02 -19.50
N VAL D 136 -23.24 15.19 -19.48
CA VAL D 136 -23.91 16.47 -19.66
C VAL D 136 -23.60 17.46 -18.56
N ARG D 137 -23.84 17.09 -17.28
CA ARG D 137 -23.67 17.96 -16.12
C ARG D 137 -22.25 18.44 -15.87
N THR D 138 -21.23 17.66 -16.28
CA THR D 138 -19.84 18.08 -16.09
C THR D 138 -19.25 18.71 -17.34
N LYS D 139 -19.83 18.50 -18.53
CA LYS D 139 -19.28 19.08 -19.74
C LYS D 139 -20.27 19.93 -20.59
N ARG D 140 -21.43 20.41 -20.02
CA ARG D 140 -22.43 21.19 -20.79
C ARG D 140 -21.79 22.33 -21.60
N ASP D 141 -21.01 23.21 -20.95
CA ASP D 141 -20.39 24.35 -21.63
C ASP D 141 -19.52 23.92 -22.82
N TRP D 142 -18.69 22.88 -22.63
CA TRP D 142 -17.85 22.34 -23.71
C TRP D 142 -18.76 21.83 -24.85
N LEU D 143 -19.76 20.99 -24.49
CA LEU D 143 -20.72 20.41 -25.42
C LEU D 143 -21.45 21.46 -26.23
N VAL D 144 -21.99 22.54 -25.60
CA VAL D 144 -22.74 23.58 -26.32
C VAL D 144 -21.83 24.33 -27.31
N LYS D 145 -20.56 24.62 -26.89
CA LYS D 145 -19.56 25.28 -27.70
C LYS D 145 -19.15 24.41 -28.89
N GLN D 146 -19.33 23.08 -28.77
CA GLN D 146 -19.00 22.10 -29.80
C GLN D 146 -20.20 21.74 -30.65
N ARG D 147 -21.31 22.47 -30.48
CA ARG D 147 -22.59 22.30 -31.19
C ARG D 147 -23.27 20.97 -30.86
N GLY D 148 -23.02 20.47 -29.63
CA GLY D 148 -23.58 19.23 -29.11
C GLY D 148 -23.36 18.02 -29.98
N TRP D 149 -24.43 17.25 -30.20
CA TRP D 149 -24.43 16.04 -31.02
C TRP D 149 -24.21 16.32 -32.50
N ASP D 150 -24.58 17.52 -32.98
CA ASP D 150 -24.33 17.92 -34.37
C ASP D 150 -22.81 17.97 -34.60
N GLY D 151 -22.12 18.60 -33.64
CA GLY D 151 -20.67 18.70 -33.64
C GLY D 151 -20.07 17.32 -33.60
N PHE D 152 -20.64 16.44 -32.76
CA PHE D 152 -20.21 15.05 -32.62
C PHE D 152 -20.25 14.36 -33.97
N VAL D 153 -21.41 14.46 -34.64
CA VAL D 153 -21.67 13.87 -35.95
C VAL D 153 -20.61 14.38 -36.95
N GLU D 154 -20.30 15.67 -36.91
CA GLU D 154 -19.30 16.32 -37.76
C GLU D 154 -17.87 15.85 -37.45
N PHE D 155 -17.52 15.73 -36.17
CA PHE D 155 -16.18 15.34 -35.75
C PHE D 155 -15.76 13.94 -36.24
N PHE D 156 -16.71 12.99 -36.28
CA PHE D 156 -16.42 11.62 -36.66
C PHE D 156 -16.91 11.32 -38.06
N HIS D 157 -16.26 10.36 -38.77
CA HIS D 157 -16.60 9.85 -40.14
C HIS D 157 -15.33 9.44 -40.94
N MET E 9 -8.41 22.37 -10.33
CA MET E 9 -7.68 21.76 -9.22
C MET E 9 -7.33 22.77 -8.10
N ASP E 10 -7.26 24.07 -8.45
CA ASP E 10 -7.03 25.20 -7.53
C ASP E 10 -8.27 25.33 -6.62
N LEU E 11 -9.45 25.48 -7.26
CA LEU E 11 -10.77 25.57 -6.65
C LEU E 11 -11.13 24.22 -6.01
N TYR E 12 -10.82 23.09 -6.69
CA TYR E 12 -11.10 21.75 -6.19
C TYR E 12 -10.45 21.47 -4.84
N ARG E 13 -9.10 21.65 -4.73
CA ARG E 13 -8.37 21.39 -3.49
C ARG E 13 -8.88 22.26 -2.34
N GLN E 14 -9.22 23.53 -2.66
CA GLN E 14 -9.77 24.48 -1.70
C GLN E 14 -11.17 24.05 -1.23
N SER E 15 -12.07 23.68 -2.20
CA SER E 15 -13.43 23.22 -1.90
C SER E 15 -13.37 21.96 -1.04
N LEU E 16 -12.52 20.99 -1.44
CA LEU E 16 -12.33 19.73 -0.73
C LEU E 16 -11.89 19.94 0.70
N GLU E 17 -11.01 20.92 0.93
CA GLU E 17 -10.52 21.23 2.27
C GLU E 17 -11.62 21.84 3.15
N ILE E 18 -12.42 22.78 2.61
CA ILE E 18 -13.53 23.42 3.32
C ILE E 18 -14.63 22.40 3.65
N ILE E 19 -15.11 21.68 2.60
CA ILE E 19 -16.17 20.67 2.73
C ILE E 19 -15.71 19.55 3.68
N SER E 20 -14.49 19.02 3.46
CA SER E 20 -13.92 17.98 4.30
C SER E 20 -13.82 18.40 5.77
N ARG E 21 -13.31 19.63 6.02
CA ARG E 21 -13.20 20.17 7.38
C ARG E 21 -14.56 20.32 8.04
N TYR E 22 -15.53 20.97 7.35
CA TYR E 22 -16.89 21.15 7.88
C TYR E 22 -17.54 19.84 8.23
N LEU E 23 -17.45 18.85 7.33
CA LEU E 23 -18.05 17.54 7.55
C LEU E 23 -17.44 16.83 8.74
N ARG E 24 -16.09 16.81 8.81
CA ARG E 24 -15.35 16.18 9.92
C ARG E 24 -15.68 16.84 11.26
N GLU E 25 -15.71 18.19 11.32
CA GLU E 25 -16.00 18.84 12.60
C GLU E 25 -17.46 18.71 13.01
N GLN E 26 -18.40 18.64 12.04
CA GLN E 26 -19.82 18.46 12.36
C GLN E 26 -20.05 17.08 12.96
N ALA E 27 -19.36 16.08 12.40
CA ALA E 27 -19.43 14.70 12.81
C ALA E 27 -18.86 14.47 14.22
N THR E 28 -17.61 14.90 14.44
CA THR E 28 -16.82 14.71 15.67
C THR E 28 -17.12 15.70 16.79
N GLY E 29 -17.64 16.87 16.44
CA GLY E 29 -17.93 17.94 17.39
C GLY E 29 -16.70 18.74 17.78
N ALA E 30 -15.52 18.32 17.27
CA ALA E 30 -14.22 18.97 17.51
C ALA E 30 -13.71 19.70 16.28
N LYS E 31 -13.50 21.01 16.41
CA LYS E 31 -12.99 21.87 15.35
C LYS E 31 -11.52 21.54 15.09
N ASP E 32 -11.20 21.05 13.88
CA ASP E 32 -9.83 20.73 13.49
C ASP E 32 -9.12 22.03 13.14
N THR E 33 -8.11 22.38 13.95
CA THR E 33 -7.31 23.60 13.77
C THR E 33 -5.83 23.23 13.59
N LYS E 34 -5.38 23.24 12.31
CA LYS E 34 -3.99 22.94 11.96
C LYS E 34 -3.55 23.80 10.73
N PRO E 35 -3.61 23.39 9.43
CA PRO E 35 -3.12 24.29 8.38
C PRO E 35 -4.16 25.21 7.73
N MET E 36 -3.69 26.04 6.79
CA MET E 36 -4.49 26.97 6.01
C MET E 36 -3.98 26.99 4.54
N GLY E 37 -4.09 25.82 3.90
CA GLY E 37 -3.71 25.62 2.51
C GLY E 37 -4.78 26.09 1.55
N ARG E 38 -4.36 26.51 0.31
CA ARG E 38 -5.20 27.01 -0.80
C ARG E 38 -6.08 28.22 -0.37
N SER E 39 -5.50 29.45 -0.43
CA SER E 39 -6.13 30.71 0.00
C SER E 39 -6.65 30.59 1.45
N GLY E 40 -5.69 30.54 2.37
CA GLY E 40 -5.86 30.37 3.81
C GLY E 40 -6.96 31.14 4.50
N ALA E 41 -6.96 32.48 4.36
CA ALA E 41 -7.96 33.36 4.98
C ALA E 41 -9.35 33.10 4.39
N THR E 42 -9.44 32.88 3.07
CA THR E 42 -10.69 32.58 2.36
C THR E 42 -11.28 31.27 2.89
N SER E 43 -10.45 30.23 3.07
CA SER E 43 -10.81 28.90 3.58
C SER E 43 -11.27 28.96 5.01
N ARG E 44 -10.64 29.81 5.85
CA ARG E 44 -11.02 29.96 7.26
C ARG E 44 -12.38 30.66 7.35
N LYS E 45 -12.56 31.74 6.57
CA LYS E 45 -13.80 32.50 6.58
C LYS E 45 -14.93 31.76 5.87
N ALA E 46 -14.60 30.84 4.93
CA ALA E 46 -15.59 30.00 4.22
C ALA E 46 -16.07 28.92 5.17
N LEU E 47 -15.20 28.46 6.09
CA LEU E 47 -15.53 27.47 7.11
C LEU E 47 -16.42 28.11 8.19
N GLU E 48 -16.13 29.37 8.57
CA GLU E 48 -16.87 30.14 9.56
C GLU E 48 -18.32 30.42 9.08
N THR E 49 -18.50 30.77 7.78
CA THR E 49 -19.83 31.06 7.21
C THR E 49 -20.64 29.76 7.14
N LEU E 50 -20.02 28.71 6.61
CA LEU E 50 -20.56 27.36 6.51
C LEU E 50 -21.04 26.86 7.88
N ARG E 51 -20.29 27.08 8.95
CA ARG E 51 -20.79 26.63 10.25
C ARG E 51 -21.96 27.50 10.78
N ARG E 52 -22.11 28.76 10.29
CA ARG E 52 -23.22 29.60 10.71
C ARG E 52 -24.50 29.30 9.88
N VAL E 53 -24.40 29.46 8.55
CA VAL E 53 -25.47 29.25 7.57
C VAL E 53 -25.88 27.77 7.54
N GLY E 54 -24.90 26.88 7.60
CA GLY E 54 -25.10 25.44 7.64
C GLY E 54 -25.93 25.00 8.82
N ASP E 55 -25.68 25.59 10.01
CA ASP E 55 -26.43 25.26 11.22
C ASP E 55 -27.91 25.62 11.10
N GLY E 56 -28.17 26.84 10.62
CA GLY E 56 -29.51 27.31 10.35
C GLY E 56 -30.23 26.44 9.35
N VAL E 57 -29.50 25.94 8.31
CA VAL E 57 -30.13 25.05 7.32
C VAL E 57 -30.47 23.68 7.96
N GLN E 58 -29.52 23.04 8.65
CA GLN E 58 -29.85 21.77 9.30
C GLN E 58 -30.96 21.98 10.34
N ARG E 59 -30.99 23.14 11.03
CA ARG E 59 -32.03 23.41 12.04
C ARG E 59 -33.39 23.60 11.42
N ASN E 60 -33.49 24.49 10.42
CA ASN E 60 -34.76 24.77 9.79
C ASN E 60 -35.31 23.63 8.92
N HIS E 61 -34.54 22.56 8.76
CA HIS E 61 -34.93 21.44 7.90
C HIS E 61 -34.72 20.11 8.59
N GLU E 62 -34.64 20.07 9.94
CA GLU E 62 -34.40 18.83 10.68
C GLU E 62 -35.39 17.72 10.31
N THR E 63 -36.71 18.04 10.28
CA THR E 63 -37.76 17.05 9.94
C THR E 63 -37.54 16.49 8.53
N ALA E 64 -37.44 17.39 7.52
CA ALA E 64 -37.21 17.00 6.13
C ALA E 64 -35.91 16.18 5.99
N PHE E 65 -34.79 16.68 6.51
CA PHE E 65 -33.48 16.02 6.52
C PHE E 65 -33.51 14.63 7.14
N GLN E 66 -34.18 14.47 8.31
CA GLN E 66 -34.32 13.18 8.98
C GLN E 66 -35.09 12.19 8.12
N GLY E 67 -36.19 12.67 7.49
CA GLY E 67 -37.01 11.89 6.56
C GLY E 67 -36.19 11.45 5.36
N MET E 68 -35.41 12.38 4.77
CA MET E 68 -34.53 12.12 3.63
C MET E 68 -33.46 11.13 3.98
N LEU E 69 -32.89 11.26 5.18
CA LEU E 69 -31.88 10.34 5.69
C LEU E 69 -32.50 8.96 5.86
N ARG E 70 -33.72 8.89 6.44
CA ARG E 70 -34.48 7.66 6.63
C ARG E 70 -34.65 6.93 5.29
N LYS E 71 -35.02 7.68 4.23
CA LYS E 71 -35.19 7.15 2.88
C LYS E 71 -33.88 6.58 2.37
N LEU E 72 -32.78 7.34 2.48
CA LEU E 72 -31.45 6.92 2.02
C LEU E 72 -30.97 5.65 2.67
N ASP E 73 -31.31 5.46 3.98
CA ASP E 73 -30.96 4.29 4.79
C ASP E 73 -29.47 3.91 4.68
N ILE E 74 -28.57 4.87 4.99
CA ILE E 74 -27.13 4.64 4.93
C ILE E 74 -26.71 3.75 6.09
N LYS E 75 -26.17 2.55 5.78
CA LYS E 75 -25.73 1.57 6.76
C LYS E 75 -24.23 1.31 6.75
N ASN E 76 -23.61 1.34 5.56
CA ASN E 76 -22.17 1.10 5.38
C ASN E 76 -21.52 1.96 4.28
N GLU E 77 -20.20 1.79 4.08
CA GLU E 77 -19.33 2.47 3.11
C GLU E 77 -19.85 2.36 1.66
N ASP E 78 -20.39 1.19 1.30
CA ASP E 78 -20.92 0.96 -0.04
C ASP E 78 -22.20 1.77 -0.29
N ASP E 79 -22.97 2.04 0.79
CA ASP E 79 -24.19 2.86 0.74
C ASP E 79 -23.79 4.31 0.50
N VAL E 80 -22.65 4.75 1.11
CA VAL E 80 -22.09 6.09 0.95
C VAL E 80 -21.63 6.32 -0.50
N LYS E 81 -21.04 5.28 -1.14
CA LYS E 81 -20.58 5.34 -2.54
C LYS E 81 -21.74 5.49 -3.49
N SER E 82 -22.88 4.82 -3.21
CA SER E 82 -24.11 4.88 -4.02
C SER E 82 -24.80 6.26 -4.07
N LEU E 83 -24.51 7.14 -3.08
CA LEU E 83 -25.10 8.45 -2.93
C LEU E 83 -24.72 9.40 -4.07
N SER E 84 -23.61 9.11 -4.76
CA SER E 84 -23.17 9.98 -5.84
C SER E 84 -24.12 10.06 -7.01
N ARG E 85 -24.79 8.96 -7.48
CA ARG E 85 -25.70 9.19 -8.61
C ARG E 85 -26.86 10.08 -8.25
N VAL E 86 -27.39 9.98 -7.02
CA VAL E 86 -28.51 10.83 -6.59
C VAL E 86 -28.07 12.27 -6.48
N MET E 87 -26.90 12.53 -5.85
CA MET E 87 -26.33 13.84 -5.70
C MET E 87 -26.14 14.53 -7.07
N ILE E 88 -25.57 13.84 -8.10
CA ILE E 88 -25.38 14.45 -9.42
C ILE E 88 -26.73 14.76 -10.02
N HIS E 89 -27.66 13.78 -9.90
CA HIS E 89 -28.99 13.89 -10.46
C HIS E 89 -29.82 15.08 -9.91
N VAL E 90 -29.76 15.26 -8.59
CA VAL E 90 -30.53 16.28 -7.91
C VAL E 90 -29.81 17.61 -7.92
N PHE E 91 -28.48 17.63 -7.64
CA PHE E 91 -27.70 18.87 -7.54
C PHE E 91 -27.65 19.65 -8.80
N SER E 92 -27.61 18.98 -9.93
CA SER E 92 -27.68 19.76 -11.14
C SER E 92 -29.13 20.03 -11.46
N ASP E 93 -29.65 19.66 -12.62
CA ASP E 93 -31.07 19.91 -12.92
C ASP E 93 -31.63 21.14 -12.19
N GLY E 94 -31.66 22.24 -12.87
CA GLY E 94 -32.22 23.42 -12.27
C GLY E 94 -31.24 24.53 -12.05
N VAL E 95 -31.76 25.65 -11.54
CA VAL E 95 -31.01 26.86 -11.25
C VAL E 95 -29.99 26.62 -10.12
N THR E 96 -28.83 27.27 -10.27
CA THR E 96 -27.76 27.16 -9.30
C THR E 96 -27.60 28.52 -8.57
N ASN E 97 -27.50 28.45 -7.24
CA ASN E 97 -27.31 29.60 -6.37
C ASN E 97 -26.61 29.15 -5.10
N TRP E 98 -26.15 30.11 -4.28
CA TRP E 98 -25.42 29.81 -3.04
C TRP E 98 -26.26 29.09 -2.00
N GLY E 99 -27.58 29.31 -2.04
CA GLY E 99 -28.55 28.66 -1.18
C GLY E 99 -28.52 27.18 -1.38
N ARG E 100 -28.63 26.75 -2.67
CA ARG E 100 -28.58 25.35 -3.12
C ARG E 100 -27.25 24.72 -2.76
N ILE E 101 -26.13 25.45 -2.99
CA ILE E 101 -24.79 25.00 -2.64
C ILE E 101 -24.68 24.75 -1.13
N VAL E 102 -25.19 25.68 -0.28
CA VAL E 102 -25.18 25.51 1.17
C VAL E 102 -26.01 24.30 1.60
N THR E 103 -27.22 24.15 1.05
CA THR E 103 -28.12 23.04 1.34
C THR E 103 -27.41 21.68 1.06
N LEU E 104 -26.68 21.57 -0.10
CA LEU E 104 -25.90 20.39 -0.50
C LEU E 104 -24.86 20.04 0.60
N ILE E 105 -24.12 21.05 1.05
CA ILE E 105 -23.08 20.85 2.05
C ILE E 105 -23.69 20.56 3.43
N SER E 106 -24.78 21.27 3.80
CA SER E 106 -25.51 21.11 5.08
C SER E 106 -26.08 19.71 5.18
N PHE E 107 -26.75 19.23 4.11
CA PHE E 107 -27.25 17.88 4.09
C PHE E 107 -26.09 16.87 4.15
N GLY E 108 -24.94 17.20 3.53
CA GLY E 108 -23.73 16.38 3.62
C GLY E 108 -23.24 16.29 5.04
N ALA E 109 -23.22 17.44 5.76
CA ALA E 109 -22.83 17.54 7.15
C ALA E 109 -23.79 16.72 8.02
N PHE E 110 -25.09 16.78 7.69
CA PHE E 110 -26.15 16.02 8.36
C PHE E 110 -25.91 14.51 8.20
N VAL E 111 -25.59 14.05 6.97
CA VAL E 111 -25.28 12.65 6.65
C VAL E 111 -23.98 12.25 7.38
N ALA E 112 -22.98 13.16 7.40
CA ALA E 112 -21.70 12.89 8.08
C ALA E 112 -21.95 12.65 9.56
N LYS E 113 -22.85 13.45 10.18
CA LYS E 113 -23.22 13.26 11.60
C LYS E 113 -23.81 11.87 11.81
N HIS E 114 -24.72 11.45 10.91
CA HIS E 114 -25.33 10.13 10.93
C HIS E 114 -24.28 9.07 10.84
N LEU E 115 -23.29 9.25 9.95
CA LEU E 115 -22.16 8.33 9.77
C LEU E 115 -21.34 8.10 11.06
N LYS E 116 -21.09 9.16 11.86
CA LYS E 116 -20.36 9.03 13.12
C LYS E 116 -21.17 8.16 14.09
N THR E 117 -22.47 8.45 14.21
CA THR E 117 -23.46 7.77 15.03
C THR E 117 -23.51 6.27 14.79
N ILE E 118 -23.39 5.82 13.53
CA ILE E 118 -23.48 4.41 13.15
C ILE E 118 -22.10 3.76 12.95
N ASN E 119 -21.05 4.33 13.61
CA ASN E 119 -19.65 3.85 13.56
C ASN E 119 -19.14 3.66 12.12
N GLN E 120 -19.34 4.70 11.30
CA GLN E 120 -18.91 4.73 9.90
C GLN E 120 -18.16 6.03 9.60
N GLU E 121 -17.36 6.49 10.58
CA GLU E 121 -16.54 7.70 10.53
C GLU E 121 -15.55 7.69 9.37
N SER E 122 -15.11 6.49 8.96
CA SER E 122 -14.20 6.24 7.85
C SER E 122 -14.76 6.69 6.48
N CYS E 123 -16.08 6.92 6.38
CA CYS E 123 -16.79 7.32 5.17
C CYS E 123 -16.98 8.81 5.04
N ILE E 124 -16.74 9.57 6.11
CA ILE E 124 -16.88 11.03 6.12
C ILE E 124 -15.94 11.68 5.08
N GLU E 125 -14.63 11.33 5.07
CA GLU E 125 -13.68 11.87 4.09
C GLU E 125 -14.12 11.50 2.64
N PRO E 126 -14.40 10.20 2.32
CA PRO E 126 -14.95 9.88 0.98
C PRO E 126 -16.22 10.68 0.60
N LEU E 127 -17.16 10.87 1.56
CA LEU E 127 -18.40 11.63 1.36
C LEU E 127 -18.07 13.08 0.98
N ALA E 128 -17.13 13.69 1.72
CA ALA E 128 -16.64 15.05 1.47
C ALA E 128 -16.09 15.11 0.04
N GLU E 129 -15.34 14.06 -0.40
CA GLU E 129 -14.81 13.98 -1.76
C GLU E 129 -15.96 13.85 -2.79
N SER E 130 -17.02 13.05 -2.47
CA SER E 130 -18.19 12.91 -3.33
C SER E 130 -18.87 14.26 -3.53
N ILE E 131 -19.10 15.01 -2.41
CA ILE E 131 -19.77 16.32 -2.45
C ILE E 131 -18.96 17.32 -3.27
N THR E 132 -17.61 17.41 -3.01
CA THR E 132 -16.68 18.30 -3.73
C THR E 132 -16.71 17.99 -5.21
N ASP E 133 -16.62 16.67 -5.57
CA ASP E 133 -16.67 16.19 -6.95
C ASP E 133 -17.94 16.70 -7.61
N VAL E 134 -19.09 16.45 -6.98
CA VAL E 134 -20.39 16.90 -7.51
C VAL E 134 -20.44 18.43 -7.63
N LEU E 135 -20.01 19.16 -6.59
CA LEU E 135 -20.05 20.61 -6.59
C LEU E 135 -19.13 21.26 -7.64
N VAL E 136 -17.79 21.02 -7.54
CA VAL E 136 -16.75 21.60 -8.40
C VAL E 136 -16.92 21.21 -9.86
N ARG E 137 -17.02 19.90 -10.15
CA ARG E 137 -17.09 19.38 -11.51
C ARG E 137 -18.35 19.76 -12.28
N THR E 138 -19.47 19.99 -11.59
CA THR E 138 -20.70 20.38 -12.31
C THR E 138 -20.94 21.89 -12.29
N LYS E 139 -20.27 22.63 -11.36
CA LYS E 139 -20.51 24.08 -11.26
C LYS E 139 -19.25 24.96 -11.32
N ARG E 140 -18.09 24.45 -11.82
CA ARG E 140 -16.86 25.27 -11.91
C ARG E 140 -17.09 26.67 -12.54
N ASP E 141 -17.67 26.73 -13.74
CA ASP E 141 -17.91 27.99 -14.44
C ASP E 141 -18.70 28.98 -13.60
N TRP E 142 -19.81 28.51 -12.98
CA TRP E 142 -20.64 29.35 -12.11
C TRP E 142 -19.79 29.84 -10.94
N LEU E 143 -19.10 28.90 -10.27
CA LEU E 143 -18.24 29.17 -9.12
C LEU E 143 -17.17 30.21 -9.40
N VAL E 144 -16.43 30.10 -10.54
CA VAL E 144 -15.36 31.05 -10.90
C VAL E 144 -15.94 32.44 -11.16
N LYS E 145 -17.10 32.51 -11.85
CA LYS E 145 -17.82 33.75 -12.14
C LYS E 145 -18.32 34.42 -10.85
N GLN E 146 -18.55 33.62 -9.79
CA GLN E 146 -19.01 34.08 -8.48
C GLN E 146 -17.87 34.35 -7.51
N ARG E 147 -16.62 34.30 -8.00
CA ARG E 147 -15.39 34.55 -7.24
C ARG E 147 -15.13 33.46 -6.18
N GLY E 148 -15.58 32.24 -6.49
CA GLY E 148 -15.43 31.05 -5.66
C GLY E 148 -15.94 31.20 -4.24
N TRP E 149 -15.12 30.81 -3.28
CA TRP E 149 -15.42 30.88 -1.87
C TRP E 149 -15.47 32.29 -1.32
N ASP E 150 -14.77 33.25 -1.98
CA ASP E 150 -14.82 34.67 -1.61
C ASP E 150 -16.24 35.19 -1.83
N GLY E 151 -16.89 34.74 -2.90
CA GLY E 151 -18.26 35.10 -3.20
C GLY E 151 -19.24 34.47 -2.25
N PHE E 152 -18.96 33.24 -1.79
CA PHE E 152 -19.80 32.51 -0.84
C PHE E 152 -19.80 33.29 0.47
N VAL E 153 -18.59 33.53 1.02
CA VAL E 153 -18.34 34.33 2.22
C VAL E 153 -19.06 35.71 2.14
N GLU E 154 -18.90 36.43 1.00
CA GLU E 154 -19.53 37.74 0.74
C GLU E 154 -21.03 37.66 0.65
N PHE E 155 -21.54 36.64 -0.01
CA PHE E 155 -22.97 36.40 -0.17
C PHE E 155 -23.69 36.22 1.16
N PHE E 156 -23.03 35.58 2.14
CA PHE E 156 -23.61 35.31 3.46
C PHE E 156 -22.98 36.25 4.50
N HIS E 157 -23.19 37.56 4.32
CA HIS E 157 -22.58 38.58 5.15
C HIS E 157 -23.58 39.35 5.98
N VAL E 158 -23.18 39.70 7.21
CA VAL E 158 -24.01 40.43 8.19
C VAL E 158 -23.73 41.97 8.15
N GLU E 159 -23.37 42.63 9.29
CA GLU E 159 -23.09 44.08 9.45
C GLU E 159 -24.32 45.00 9.19
N MET F 9 -10.89 -21.22 -12.14
CA MET F 9 -12.01 -20.63 -11.38
C MET F 9 -12.76 -21.66 -10.53
N ASP F 10 -12.68 -22.95 -10.90
CA ASP F 10 -13.27 -24.10 -10.19
C ASP F 10 -12.49 -24.27 -8.87
N LEU F 11 -11.15 -24.41 -8.98
CA LEU F 11 -10.17 -24.53 -7.92
C LEU F 11 -10.10 -23.20 -7.15
N TYR F 12 -10.13 -22.05 -7.86
CA TYR F 12 -10.08 -20.73 -7.25
C TYR F 12 -11.21 -20.49 -6.26
N ARG F 13 -12.48 -20.64 -6.70
CA ARG F 13 -13.66 -20.41 -5.84
C ARG F 13 -13.65 -21.33 -4.61
N GLN F 14 -13.20 -22.60 -4.81
CA GLN F 14 -13.07 -23.59 -3.75
C GLN F 14 -11.97 -23.19 -2.75
N SER F 15 -10.77 -22.80 -3.25
CA SER F 15 -9.64 -22.36 -2.42
C SER F 15 -10.04 -21.14 -1.61
N LEU F 16 -10.69 -20.15 -2.29
CA LEU F 16 -11.15 -18.91 -1.68
C LEU F 16 -12.10 -19.17 -0.53
N GLU F 17 -13.00 -20.14 -0.69
CA GLU F 17 -13.98 -20.50 0.32
C GLU F 17 -13.34 -21.13 1.54
N ILE F 18 -12.39 -22.05 1.33
CA ILE F 18 -11.65 -22.74 2.41
C ILE F 18 -10.80 -21.73 3.19
N ILE F 19 -9.90 -20.98 2.45
CA ILE F 19 -9.00 -19.98 3.03
C ILE F 19 -9.79 -18.90 3.73
N SER F 20 -10.83 -18.34 3.07
CA SER F 20 -11.70 -17.31 3.64
C SER F 20 -12.38 -17.77 4.92
N ARG F 21 -12.94 -18.99 4.93
CA ARG F 21 -13.59 -19.55 6.10
C ARG F 21 -12.59 -19.73 7.23
N TYR F 22 -11.43 -20.38 6.94
CA TYR F 22 -10.39 -20.60 7.94
C TYR F 22 -9.95 -19.30 8.60
N LEU F 23 -9.65 -18.29 7.79
CA LEU F 23 -9.19 -16.99 8.27
C LEU F 23 -10.24 -16.30 9.13
N ARG F 24 -11.51 -16.27 8.66
CA ARG F 24 -12.61 -15.66 9.40
C ARG F 24 -12.84 -16.35 10.73
N GLU F 25 -12.84 -17.70 10.77
CA GLU F 25 -13.07 -18.40 12.03
C GLU F 25 -11.90 -18.26 13.00
N GLN F 26 -10.65 -18.18 12.49
CA GLN F 26 -9.48 -18.02 13.36
C GLN F 26 -9.53 -16.63 14.03
N ALA F 27 -9.94 -15.61 13.25
CA ALA F 27 -10.06 -14.23 13.69
C ALA F 27 -11.15 -14.04 14.75
N THR F 28 -12.39 -14.49 14.45
CA THR F 28 -13.58 -14.34 15.28
C THR F 28 -13.72 -15.38 16.42
N GLY F 29 -13.08 -16.54 16.26
CA GLY F 29 -13.16 -17.63 17.23
C GLY F 29 -14.40 -18.49 17.05
N ALA F 30 -15.31 -18.07 16.16
CA ALA F 30 -16.58 -18.73 15.86
C ALA F 30 -16.56 -19.43 14.50
N LYS F 31 -16.78 -20.77 14.51
CA LYS F 31 -16.82 -21.60 13.30
C LYS F 31 -18.07 -21.29 12.50
N ASP F 32 -17.90 -20.75 11.27
CA ASP F 32 -19.01 -20.42 10.38
C ASP F 32 -19.51 -21.70 9.72
N THR F 33 -20.75 -22.11 10.06
CA THR F 33 -21.36 -23.31 9.50
C THR F 33 -22.66 -22.94 8.79
N LYS F 34 -22.62 -22.85 7.44
CA LYS F 34 -23.78 -22.53 6.62
C LYS F 34 -23.72 -23.30 5.25
N PRO F 35 -23.17 -22.80 4.09
CA PRO F 35 -23.22 -23.63 2.87
C PRO F 35 -22.01 -24.54 2.63
N MET F 36 -22.08 -25.32 1.53
CA MET F 36 -21.05 -26.23 1.08
C MET F 36 -20.91 -26.16 -0.47
N GLY F 37 -20.54 -24.98 -0.94
CA GLY F 37 -20.31 -24.72 -2.36
C GLY F 37 -18.94 -25.19 -2.83
N ARG F 38 -18.83 -25.54 -4.14
CA ARG F 38 -17.61 -26.03 -4.83
C ARG F 38 -16.98 -27.26 -4.14
N SER F 39 -17.48 -28.48 -4.50
CA SER F 39 -17.08 -29.78 -3.92
C SER F 39 -17.20 -29.72 -2.38
N GLY F 40 -18.46 -29.68 -1.93
CA GLY F 40 -18.90 -29.57 -0.54
C GLY F 40 -18.16 -30.34 0.54
N ALA F 41 -18.07 -31.68 0.39
CA ALA F 41 -17.37 -32.54 1.33
C ALA F 41 -15.88 -32.26 1.36
N THR F 42 -15.27 -32.07 0.16
CA THR F 42 -13.85 -31.77 -0.04
C THR F 42 -13.49 -30.51 0.73
N SER F 43 -14.34 -29.45 0.63
CA SER F 43 -14.16 -28.17 1.31
C SER F 43 -14.20 -28.33 2.80
N ARG F 44 -15.27 -28.97 3.31
CA ARG F 44 -15.48 -29.25 4.74
C ARG F 44 -14.28 -30.02 5.33
N LYS F 45 -13.72 -30.98 4.56
CA LYS F 45 -12.57 -31.80 4.94
C LYS F 45 -11.25 -31.08 4.80
N ALA F 46 -11.14 -30.17 3.81
CA ALA F 46 -9.92 -29.37 3.61
C ALA F 46 -9.82 -28.40 4.76
N LEU F 47 -10.96 -27.76 5.15
CA LEU F 47 -11.09 -26.87 6.32
C LEU F 47 -10.78 -27.59 7.63
N GLU F 48 -11.18 -28.87 7.77
CA GLU F 48 -10.96 -29.68 8.98
C GLU F 48 -9.47 -29.98 9.15
N THR F 49 -8.79 -30.50 8.08
CA THR F 49 -7.35 -30.83 8.11
C THR F 49 -6.56 -29.56 8.35
N LEU F 50 -6.99 -28.44 7.74
CA LEU F 50 -6.39 -27.13 7.86
C LEU F 50 -6.47 -26.65 9.29
N ARG F 51 -7.66 -26.67 9.92
CA ARG F 51 -7.74 -26.19 11.29
C ARG F 51 -6.93 -27.07 12.27
N ARG F 52 -6.58 -28.29 11.90
CA ARG F 52 -5.75 -29.14 12.76
C ARG F 52 -4.25 -28.83 12.56
N VAL F 53 -3.78 -28.94 11.31
CA VAL F 53 -2.39 -28.73 10.89
C VAL F 53 -2.00 -27.25 11.10
N GLY F 54 -2.88 -26.35 10.68
CA GLY F 54 -2.71 -24.91 10.77
C GLY F 54 -2.58 -24.39 12.17
N ASP F 55 -3.38 -24.91 13.08
CA ASP F 55 -3.30 -24.49 14.48
C ASP F 55 -1.98 -24.96 15.14
N GLY F 56 -1.49 -26.12 14.72
CA GLY F 56 -0.21 -26.68 15.17
C GLY F 56 0.97 -25.86 14.69
N VAL F 57 0.98 -25.47 13.40
CA VAL F 57 1.99 -24.60 12.76
C VAL F 57 2.01 -23.25 13.46
N GLN F 58 0.84 -22.71 13.82
CA GLN F 58 0.79 -21.41 14.49
C GLN F 58 1.33 -21.54 15.89
N ARG F 59 1.10 -22.67 16.54
CA ARG F 59 1.53 -22.93 17.89
C ARG F 59 3.05 -23.10 17.97
N ASN F 60 3.61 -23.93 17.09
CA ASN F 60 5.03 -24.26 17.03
C ASN F 60 5.92 -23.19 16.39
N HIS F 61 5.34 -22.09 15.95
CA HIS F 61 6.07 -20.99 15.32
C HIS F 61 5.62 -19.65 15.91
N GLU F 62 5.02 -19.64 17.14
CA GLU F 62 4.54 -18.41 17.78
C GLU F 62 5.58 -17.32 17.87
N THR F 63 6.81 -17.63 18.36
CA THR F 63 7.91 -16.66 18.47
C THR F 63 8.25 -16.05 17.09
N ALA F 64 8.53 -16.94 16.09
CA ALA F 64 8.85 -16.52 14.72
C ALA F 64 7.71 -15.69 14.11
N PHE F 65 6.47 -16.21 14.17
CA PHE F 65 5.26 -15.56 13.66
C PHE F 65 5.03 -14.18 14.27
N GLN F 66 5.22 -14.03 15.61
CA GLN F 66 5.10 -12.74 16.31
C GLN F 66 6.16 -11.75 15.83
N GLY F 67 7.40 -12.26 15.68
CA GLY F 67 8.53 -11.47 15.18
C GLY F 67 8.25 -10.94 13.78
N MET F 68 7.79 -11.87 12.89
CA MET F 68 7.44 -11.60 11.49
C MET F 68 6.35 -10.57 11.39
N LEU F 69 5.30 -10.73 12.18
CA LEU F 69 4.15 -9.86 12.22
C LEU F 69 4.53 -8.47 12.72
N ARG F 70 5.51 -8.39 13.65
CA ARG F 70 6.02 -7.10 14.18
C ARG F 70 6.71 -6.37 13.06
N LYS F 71 7.48 -7.15 12.26
CA LYS F 71 8.24 -6.63 11.13
C LYS F 71 7.25 -6.05 10.10
N LEU F 72 6.23 -6.83 9.69
CA LEU F 72 5.19 -6.40 8.73
C LEU F 72 4.45 -5.13 9.16
N ASP F 73 4.30 -4.89 10.50
CA ASP F 73 3.66 -3.75 11.16
C ASP F 73 2.34 -3.35 10.52
N ILE F 74 1.37 -4.27 10.49
CA ILE F 74 0.09 -3.99 9.88
C ILE F 74 -0.77 -3.12 10.81
N LYS F 75 -1.11 -1.91 10.33
CA LYS F 75 -1.89 -0.93 11.07
C LYS F 75 -3.25 -0.66 10.45
N ASN F 76 -3.33 -0.68 9.10
CA ASN F 76 -4.56 -0.44 8.36
C ASN F 76 -4.70 -1.28 7.07
N GLU F 77 -5.82 -1.11 6.36
CA GLU F 77 -6.21 -1.76 5.09
C GLU F 77 -5.14 -1.60 4.00
N ASP F 78 -4.51 -0.43 3.91
CA ASP F 78 -3.47 -0.17 2.90
C ASP F 78 -2.20 -0.96 3.19
N ASP F 79 -1.94 -1.27 4.48
CA ASP F 79 -0.82 -2.10 4.93
C ASP F 79 -1.07 -3.57 4.51
N VAL F 80 -2.36 -4.01 4.57
CA VAL F 80 -2.81 -5.33 4.14
C VAL F 80 -2.63 -5.50 2.62
N LYS F 81 -2.89 -4.43 1.84
CA LYS F 81 -2.73 -4.45 0.38
C LYS F 81 -1.28 -4.59 -0.03
N SER F 82 -0.38 -3.99 0.75
CA SER F 82 1.08 -4.02 0.50
C SER F 82 1.70 -5.40 0.66
N LEU F 83 1.02 -6.27 1.42
CA LEU F 83 1.44 -7.61 1.75
C LEU F 83 1.60 -8.51 0.53
N SER F 84 0.79 -8.26 -0.51
CA SER F 84 0.81 -9.09 -1.70
C SER F 84 2.14 -9.15 -2.42
N ARG F 85 2.94 -8.04 -2.58
CA ARG F 85 4.20 -8.26 -3.30
C ARG F 85 5.16 -9.12 -2.52
N VAL F 86 5.16 -9.06 -1.17
CA VAL F 86 6.02 -9.94 -0.33
C VAL F 86 5.56 -11.36 -0.46
N MET F 87 4.24 -11.62 -0.39
CA MET F 87 3.68 -12.97 -0.52
C MET F 87 4.05 -13.61 -1.85
N ILE F 88 3.87 -12.88 -2.99
CA ILE F 88 4.22 -13.44 -4.29
C ILE F 88 5.70 -13.75 -4.31
N HIS F 89 6.52 -12.78 -3.87
CA HIS F 89 7.98 -12.89 -3.86
C HIS F 89 8.50 -14.09 -3.04
N VAL F 90 7.94 -14.27 -1.84
CA VAL F 90 8.33 -15.31 -0.93
C VAL F 90 7.77 -16.65 -1.38
N PHE F 91 6.43 -16.73 -1.53
CA PHE F 91 5.70 -17.96 -1.84
C PHE F 91 6.15 -18.67 -3.08
N SER F 92 6.55 -17.94 -4.11
CA SER F 92 7.10 -18.65 -5.24
C SER F 92 8.57 -18.90 -4.95
N ASP F 93 9.49 -18.49 -5.82
CA ASP F 93 10.92 -18.73 -5.54
C ASP F 93 11.19 -19.93 -4.60
N GLY F 94 11.51 -21.03 -5.18
CA GLY F 94 11.80 -22.21 -4.38
C GLY F 94 10.83 -23.33 -4.63
N VAL F 95 11.11 -24.48 -3.97
CA VAL F 95 10.31 -25.69 -4.09
C VAL F 95 8.91 -25.50 -3.50
N THR F 96 7.92 -26.14 -4.11
CA THR F 96 6.54 -26.09 -3.65
C THR F 96 6.11 -27.46 -3.10
N ASN F 97 5.48 -27.45 -1.93
CA ASN F 97 4.98 -28.64 -1.25
C ASN F 97 3.82 -28.25 -0.35
N TRP F 98 3.10 -29.25 0.17
CA TRP F 98 1.95 -29.03 1.03
C TRP F 98 2.27 -28.36 2.36
N GLY F 99 3.50 -28.57 2.86
CA GLY F 99 4.00 -27.93 4.07
C GLY F 99 4.05 -26.42 3.90
N ARG F 100 4.66 -25.95 2.79
CA ARG F 100 4.75 -24.54 2.39
C ARG F 100 3.36 -23.94 2.22
N ILE F 101 2.45 -24.66 1.55
CA ILE F 101 1.07 -24.20 1.35
C ILE F 101 0.36 -24.02 2.69
N VAL F 102 0.52 -24.99 3.64
CA VAL F 102 -0.08 -24.88 4.99
C VAL F 102 0.49 -23.72 5.76
N THR F 103 1.83 -23.55 5.75
CA THR F 103 2.51 -22.44 6.40
C THR F 103 2.00 -21.09 5.87
N LEU F 104 1.83 -20.96 4.52
CA LEU F 104 1.28 -19.76 3.89
C LEU F 104 -0.11 -19.40 4.49
N ILE F 105 -1.02 -20.40 4.56
CA ILE F 105 -2.37 -20.20 5.10
C ILE F 105 -2.34 -19.93 6.64
N SER F 106 -1.51 -20.71 7.40
CA SER F 106 -1.37 -20.60 8.87
C SER F 106 -0.86 -19.21 9.24
N PHE F 107 0.17 -18.74 8.53
CA PHE F 107 0.67 -17.40 8.73
C PHE F 107 -0.43 -16.34 8.40
N GLY F 108 -1.27 -16.61 7.37
CA GLY F 108 -2.40 -15.77 6.99
C GLY F 108 -3.44 -15.71 8.09
N ALA F 109 -3.69 -16.87 8.73
CA ALA F 109 -4.63 -17.00 9.84
C ALA F 109 -4.12 -16.19 11.03
N PHE F 110 -2.78 -16.24 11.27
CA PHE F 110 -2.08 -15.50 12.31
C PHE F 110 -2.25 -13.98 12.12
N VAL F 111 -2.06 -13.49 10.86
CA VAL F 111 -2.25 -12.10 10.48
C VAL F 111 -3.73 -11.71 10.64
N ALA F 112 -4.65 -12.59 10.21
CA ALA F 112 -6.08 -12.33 10.33
C ALA F 112 -6.44 -12.13 11.81
N LYS F 113 -5.88 -12.96 12.71
CA LYS F 113 -6.10 -12.80 14.15
C LYS F 113 -5.64 -11.42 14.63
N HIS F 114 -4.43 -10.98 14.19
CA HIS F 114 -3.89 -9.67 14.47
C HIS F 114 -4.83 -8.57 14.00
N LEU F 115 -5.39 -8.74 12.79
CA LEU F 115 -6.34 -7.80 12.20
C LEU F 115 -7.61 -7.60 13.06
N LYS F 116 -8.16 -8.67 13.67
CA LYS F 116 -9.34 -8.57 14.53
C LYS F 116 -8.98 -7.72 15.76
N THR F 117 -7.82 -8.03 16.38
CA THR F 117 -7.25 -7.37 17.55
C THR F 117 -7.11 -5.86 17.38
N ILE F 118 -6.72 -5.39 16.19
CA ILE F 118 -6.49 -3.97 15.91
C ILE F 118 -7.69 -3.29 15.19
N ASN F 119 -8.90 -3.87 15.36
CA ASN F 119 -10.17 -3.39 14.79
C ASN F 119 -10.06 -3.15 13.24
N GLN F 120 -9.55 -4.18 12.56
CA GLN F 120 -9.38 -4.18 11.10
C GLN F 120 -9.96 -5.48 10.51
N GLU F 121 -11.08 -5.95 11.07
CA GLU F 121 -11.82 -7.14 10.65
C GLU F 121 -12.26 -7.09 9.18
N SER F 122 -12.49 -5.86 8.67
CA SER F 122 -12.86 -5.56 7.29
C SER F 122 -11.80 -6.01 6.24
N CYS F 123 -10.54 -6.23 6.68
CA CYS F 123 -9.43 -6.64 5.83
C CYS F 123 -9.22 -8.13 5.77
N ILE F 124 -9.88 -8.91 6.65
CA ILE F 124 -9.74 -10.37 6.68
C ILE F 124 -10.20 -11.01 5.34
N GLU F 125 -11.39 -10.64 4.82
CA GLU F 125 -11.87 -11.17 3.54
C GLU F 125 -10.88 -10.77 2.39
N PRO F 126 -10.49 -9.47 2.25
CA PRO F 126 -9.47 -9.13 1.22
C PRO F 126 -8.16 -9.92 1.37
N LEU F 127 -7.69 -10.15 2.63
CA LEU F 127 -6.47 -10.92 2.91
C LEU F 127 -6.60 -12.35 2.40
N ALA F 128 -7.76 -12.97 2.68
CA ALA F 128 -8.10 -14.32 2.22
C ALA F 128 -8.03 -14.36 0.69
N GLU F 129 -8.57 -13.30 0.03
CA GLU F 129 -8.51 -13.18 -1.44
C GLU F 129 -7.05 -13.02 -1.94
N SER F 130 -6.20 -12.23 -1.21
CA SER F 130 -4.79 -12.06 -1.55
C SER F 130 -4.07 -13.41 -1.49
N ILE F 131 -4.29 -14.19 -0.39
CA ILE F 131 -3.67 -15.50 -0.19
C ILE F 131 -4.09 -16.47 -1.28
N THR F 132 -5.42 -16.57 -1.58
CA THR F 132 -5.97 -17.43 -2.64
C THR F 132 -5.38 -17.06 -3.99
N ASP F 133 -5.30 -15.74 -4.33
CA ASP F 133 -4.70 -15.27 -5.57
C ASP F 133 -3.26 -15.76 -5.66
N VAL F 134 -2.47 -15.53 -4.59
CA VAL F 134 -1.07 -15.97 -4.57
C VAL F 134 -0.96 -17.52 -4.72
N LEU F 135 -1.76 -18.31 -3.96
CA LEU F 135 -1.76 -19.77 -4.01
C LEU F 135 -2.18 -20.34 -5.36
N VAL F 136 -3.44 -20.09 -5.77
CA VAL F 136 -4.04 -20.59 -7.01
C VAL F 136 -3.30 -20.16 -8.28
N ARG F 137 -3.06 -18.85 -8.43
CA ARG F 137 -2.47 -18.29 -9.64
C ARG F 137 -1.01 -18.65 -9.86
N THR F 138 -0.23 -18.87 -8.79
CA THR F 138 1.18 -19.23 -8.97
C THR F 138 1.41 -20.75 -8.91
N LYS F 139 0.44 -21.51 -8.35
CA LYS F 139 0.64 -22.96 -8.22
C LYS F 139 -0.50 -23.82 -8.83
N ARG F 140 -1.38 -23.28 -9.72
CA ARG F 140 -2.47 -24.08 -10.33
C ARG F 140 -2.00 -25.46 -10.87
N ASP F 141 -0.99 -25.48 -11.75
CA ASP F 141 -0.47 -26.71 -12.35
C ASP F 141 -0.05 -27.73 -11.29
N TRP F 142 0.70 -27.29 -10.26
CA TRP F 142 1.12 -28.16 -9.16
C TRP F 142 -0.12 -28.68 -8.43
N LEU F 143 -1.05 -27.78 -8.06
CA LEU F 143 -2.28 -28.09 -7.37
C LEU F 143 -3.13 -29.10 -8.10
N VAL F 144 -3.34 -28.94 -9.43
CA VAL F 144 -4.17 -29.87 -10.23
C VAL F 144 -3.51 -31.26 -10.28
N LYS F 145 -2.16 -31.31 -10.44
CA LYS F 145 -1.39 -32.54 -10.47
C LYS F 145 -1.44 -33.27 -9.12
N GLN F 146 -1.69 -32.50 -8.03
CA GLN F 146 -1.78 -33.01 -6.67
C GLN F 146 -3.22 -33.33 -6.26
N ARG F 147 -4.16 -33.23 -7.22
CA ARG F 147 -5.60 -33.48 -7.03
C ARG F 147 -6.24 -32.43 -6.11
N GLY F 148 -5.70 -31.21 -6.17
CA GLY F 148 -6.17 -30.04 -5.42
C GLY F 148 -6.26 -30.23 -3.93
N TRP F 149 -7.43 -29.89 -3.36
CA TRP F 149 -7.73 -30.02 -1.92
C TRP F 149 -7.89 -31.48 -1.46
N ASP F 150 -8.24 -32.39 -2.40
CA ASP F 150 -8.34 -33.82 -2.11
C ASP F 150 -6.95 -34.34 -1.78
N GLY F 151 -5.94 -33.91 -2.51
CA GLY F 151 -4.56 -34.27 -2.26
C GLY F 151 -4.02 -33.66 -0.97
N PHE F 152 -4.50 -32.44 -0.63
CA PHE F 152 -4.14 -31.74 0.61
C PHE F 152 -4.50 -32.61 1.81
N VAL F 153 -5.81 -32.97 1.91
CA VAL F 153 -6.42 -33.83 2.92
C VAL F 153 -5.70 -35.16 3.01
N GLU F 154 -5.52 -35.82 1.85
CA GLU F 154 -4.83 -37.10 1.65
C GLU F 154 -3.40 -37.06 2.20
N PHE F 155 -2.73 -35.90 2.11
CA PHE F 155 -1.36 -35.71 2.57
C PHE F 155 -1.27 -35.57 4.09
N PHE F 156 -2.27 -34.93 4.72
CA PHE F 156 -2.31 -34.71 6.17
C PHE F 156 -3.35 -35.60 6.90
N HIS F 157 -2.88 -36.69 7.52
CA HIS F 157 -3.68 -37.61 8.34
C HIS F 157 -2.83 -38.74 8.91
C1 2UU G . 12.86 -9.85 6.14
C2 2UU G . 16.14 -9.44 10.51
C3 2UU G . 17.30 -9.44 9.77
C4 2UU G . 12.20 -10.94 6.69
C5 2UU G . 13.21 -8.77 6.93
C6 2UU G . 16.07 -10.13 11.68
C7 2UU G . 18.37 -10.15 10.23
C8 2UU G . 15.50 -10.47 14.93
C9 2UU G . 18.16 -12.28 13.78
C10 2UU G . 14.37 -10.54 15.72
C11 2UU G . 19.32 -12.30 13.04
C12 2UU G . 11.88 -10.95 8.02
C13 2UU G . 12.89 -8.79 8.27
C14 2UU G . 13.31 -11.75 10.71
C15 2UU G . 11.28 -11.23 11.89
C16 2UU G . 13.49 -12.86 11.50
C17 2UU G . 11.46 -12.34 12.69
C18 2UU G . 15.22 -12.74 14.31
C19 2UU G . 17.16 -10.85 12.17
C20 2UU G . 18.32 -10.85 11.43
C21 2UU G . 15.92 -11.57 14.21
C22 2UU G . 17.08 -11.54 13.36
C23 2UU G . 13.64 -11.71 15.78
C24 2UU G . 19.42 -11.57 11.87
C25 2UU G . 14.08 -12.80 15.08
C26 2UU G . 12.24 -9.88 8.82
C27 2UU G . 12.21 -10.94 10.91
C28 2UU G . 12.57 -13.13 12.48
C29 2UU G . 12.39 -11.80 16.57
C30 2UU G . 20.71 -11.62 11.11
N31 2UU G . 13.36 -14.02 15.06
O32 2UU G . 11.49 -12.58 16.32
O33 2UU G . 13.86 -15.34 12.98
O34 2UU G . 11.46 -15.08 13.79
O35 2UU G . 12.43 -10.91 17.59
O36 2UU G . 11.95 -9.82 10.16
S37 2UU G . 12.78 -14.55 13.52
H1 2UU G . 13.12 -9.84 5.09
H2 2UU G . 15.28 -8.89 10.15
H3 2UU G . 17.37 -8.89 8.84
H4 2UU G . 11.94 -11.78 6.05
H5 2UU G . 13.73 -7.92 6.51
H6 2UU G . 15.14 -10.10 12.24
H7 2UU G . 19.27 -10.15 9.63
H8 2UU G . 16.06 -9.55 14.88
H9 2UU G . 18.10 -12.81 14.71
H10 2UU G . 14.05 -9.66 16.25
H11 2UU G . 20.16 -12.87 13.41
H12 2UU G . 11.35 -11.80 8.44
H13 2UU G . 13.16 -7.95 8.91
H14 2UU G . 14.04 -11.52 9.94
H15 2UU G . 10.43 -10.58 12.02
H16 2UU G . 14.36 -13.49 11.35
H17 2UU G . 10.75 -12.58 13.46
H18 2UU G . 15.54 -13.61 13.74
H31 2UU G . 12.76 -14.22 15.87
H35 2UU G . 12.11 -10.04 17.31
C1 2UU H . 32.34 7.02 10.08
C2 2UU H . 27.47 6.64 12.82
C3 2UU H . 26.75 6.78 11.67
C4 2UU H . 31.61 6.01 10.68
C5 2UU H . 32.77 8.10 10.84
C6 2UU H . 27.09 7.30 13.97
C7 2UU H . 25.62 7.58 11.66
C8 2UU H . 26.31 7.65 17.24
C9 2UU H . 24.46 9.55 15.08
C10 2UU H . 27.01 7.72 18.44
C11 2UU H . 23.70 9.68 13.94
C12 2UU H . 31.31 6.07 12.02
C13 2UU H . 32.47 8.17 12.19
C14 2UU H . 29.99 9.12 14.11
C15 2UU H . 31.36 8.52 15.98
C16 2UU H . 29.54 10.21 14.81
C17 2UU H . 30.92 9.61 16.69
C18 2UU H . 26.98 9.87 16.73
C19 2UU H . 25.96 8.09 13.97
C20 2UU H . 25.22 8.23 12.80
C21 2UU H . 26.30 8.74 16.39
C22 2UU H . 25.58 8.76 15.13
C23 2UU H . 27.71 8.86 18.79
C24 2UU H . 24.07 9.02 12.78
C25 2UU H . 27.70 9.94 17.92
C26 2UU H . 31.73 7.15 12.75
C27 2UU H . 30.90 8.28 14.71
C28 2UU H . 30.00 10.45 16.10
C29 2UU H . 28.46 8.83 20.08
C30 2UU H . 23.20 9.21 11.58
N31 2UU H . 28.38 11.17 18.20
O32 2UU H . 28.26 8.05 21.00
O33 2UU H . 28.63 12.72 16.17
O34 2UU H . 30.53 12.36 17.78
O35 2UU H . 29.47 9.72 20.10
O36 2UU H . 31.40 7.14 14.09
S37 2UU H . 29.41 11.85 17.02
H1 2UU H . 32.57 6.96 9.03
H2 2UU H . 28.36 6.02 12.82
H3 2UU H . 27.05 6.26 10.76
H4 2UU H . 31.28 5.16 10.09
H5 2UU H . 33.35 8.88 10.37
H6 2UU H . 27.70 7.18 14.86
H7 2UU H . 25.07 7.66 10.74
H8 2UU H . 25.78 6.74 16.98
H9 2UU H . 24.17 10.08 15.97
H10 2UU H . 27.03 6.86 19.08
H11 2UU H . 22.83 10.30 13.97
H12 2UU H . 30.74 5.28 12.48
H13 2UU H . 32.82 9.00 12.77
H14 2UU H . 29.61 8.93 13.11
H15 2UU H . 32.08 7.84 16.43
H16 2UU H . 28.82 10.88 14.37
H17 2UU H . 31.27 9.80 17.69
H18 2UU H . 26.96 10.72 16.06
H31 2UU H . 28.60 11.34 19.19
H35 2UU H . 29.59 10.11 20.99
C1 2UU I . -7.27 0.79 -11.08
C2 2UU I . -3.25 -2.46 -11.85
C3 2UU I . -2.35 -1.66 -11.19
C4 2UU I . -7.36 1.02 -12.44
C5 2UU I . -7.28 -0.51 -10.63
C6 2UU I . -2.87 -3.15 -12.97
C7 2UU I . -1.06 -1.55 -11.66
C8 2UU I . -2.50 -5.77 -14.87
C9 2UU I . 0.11 -3.65 -15.04
C10 2UU I . -3.35 -6.55 -15.63
C11 2UU I . 1.02 -2.86 -14.39
C12 2UU I . -7.47 -0.02 -13.32
C13 2UU I . -7.39 -1.58 -11.51
C14 2UU I . -5.54 -1.92 -14.95
C15 2UU I . -7.36 -3.13 -15.91
C16 2UU I . -4.85 -2.06 -16.14
C17 2UU I . -6.69 -3.27 -17.10
C18 2UU I . -2.47 -4.15 -16.60
C19 2UU I . -1.58 -3.04 -13.45
C20 2UU I . -0.66 -2.24 -12.80
C21 2UU I . -2.06 -4.56 -15.36
C22 2UU I . -1.19 -3.74 -14.58
C23 2UU I . -3.77 -6.13 -16.87
C24 2UU I . 0.64 -2.14 -13.27
C25 2UU I . -3.32 -4.92 -17.37
C26 2UU I . -7.48 -1.32 -12.86
C27 2UU I . -6.81 -2.46 -14.85
C28 2UU I . -5.43 -2.73 -17.19
C29 2UU I . -4.68 -6.98 -17.64
C30 2UU I . 1.68 -1.27 -12.64
N31 2UU I . -3.73 -4.43 -18.64
O32 2UU I . -5.37 -6.60 -18.58
O33 2UU I . -3.52 -1.89 -18.71
O34 2UU I . -5.51 -3.00 -19.77
O35 2UU I . -4.62 -8.22 -17.14
O36 2UU I . -7.60 -2.40 -13.71
S37 2UU I . -4.55 -2.91 -18.70
H1 2UU I . -7.18 1.63 -10.39
H2 2UU I . -4.27 -2.54 -11.47
H3 2UU I . -2.65 -1.12 -10.30
H4 2UU I . -7.33 2.04 -12.80
H5 2UU I . -7.21 -0.71 -9.56
H6 2UU I . -3.60 -3.77 -13.46
H7 2UU I . -0.38 -0.91 -11.12
H8 2UU I . -2.19 -6.09 -13.88
H9 2UU I . 0.40 -4.18 -15.93
H10 2UU I . -3.69 -7.46 -15.20
H11 2UU I . 2.02 -2.78 -14.79
H12 2UU I . -7.55 0.16 -14.38
H13 2UU I . -7.41 -2.60 -11.16
H14 2UU I . -5.08 -1.39 -14.13
H15 2UU I . -8.34 -3.54 -15.81
H16 2UU I . -3.87 -1.64 -16.25
H17 2UU I . -7.14 -3.80 -17.92
H18 2UU I . -2.10 -3.20 -16.98
H31 2UU I . -3.90 -5.13 -19.38
H35 2UU I . -5.35 -8.37 -16.50
C1 2UU J . -12.11 0.48 -11.79
C2 2UU J . -15.68 3.81 -13.96
C3 2UU J . -16.73 2.96 -13.67
C4 2UU J . -11.60 0.20 -13.03
C5 2UU J . -12.25 1.78 -11.37
C6 2UU J . -15.67 4.49 -15.15
C7 2UU J . -17.75 2.79 -14.57
C8 2UU J . -15.49 7.09 -16.99
C9 2UU J . -17.75 4.85 -18.15
C10 2UU J . -14.48 7.94 -17.36
C11 2UU J . -18.80 4.03 -17.86
C12 2UU J . -11.21 1.24 -13.86
C13 2UU J . -11.88 2.82 -12.20
C14 2UU J . -12.50 3.15 -16.11
C15 2UU J . -10.54 4.49 -16.30
C16 2UU J . -12.74 3.37 -17.46
C17 2UU J . -10.76 4.72 -17.63
C18 2UU J . -14.79 5.56 -18.66
C19 2UU J . -16.70 4.33 -16.06
C20 2UU J . -17.76 3.47 -15.77
C21 2UU J . -15.65 5.89 -17.63
C22 2UU J . -16.70 5.01 -17.26
C23 2UU J . -13.61 7.61 -18.36
C24 2UU J . -18.81 3.32 -16.67
C25 2UU J . -13.76 6.40 -19.02
C26 2UU J . -11.36 2.53 -13.45
C27 2UU J . -11.37 3.71 -15.55
C28 2UU J . -11.87 4.16 -18.20
C29 2UU J . -12.56 8.62 -18.62
C30 2UU J . -19.99 2.44 -16.43
N31 2UU J . -12.89 5.98 -20.08
O32 2UU J . -12.58 9.67 -18.02
O33 2UU J . -13.08 3.44 -20.39
O34 2UU J . -10.86 4.56 -20.55
O35 2UU J . -11.61 8.28 -19.51
O36 2UU J . -10.97 3.59 -14.23
S37 2UU J . -12.16 4.44 -19.92
H1 2UU J . -12.40 -0.34 -11.14
H2 2UU J . -14.87 3.93 -13.26
H3 2UU J . -16.74 2.41 -12.73
H4 2UU J . -11.48 -0.83 -13.35
H5 2UU J . -12.66 2.00 -10.38
H6 2UU J . -14.83 5.14 -15.35
H7 2UU J . -18.55 2.12 -14.31
H8 2UU J . -16.16 7.37 -16.19
H9 2UU J . -17.74 5.41 -19.07
H10 2UU J . -14.39 8.85 -16.82
H11 2UU J . -19.60 3.93 -18.58
H12 2UU J . -10.79 1.03 -14.84
H13 2UU J . -11.99 3.85 -11.88
H14 2UU J . -13.17 2.54 -15.53
H15 2UU J . -9.66 4.92 -15.82
H16 2UU J . -13.62 2.94 -17.92
H17 2UU J . -10.08 5.33 -18.21
H18 2UU J . -14.94 4.60 -19.15
H31 2UU J . -12.37 6.72 -20.55
H35 2UU J . -10.78 8.79 -19.39
C1 2UU K . -33.37 10.49 -0.98
C2 2UU K . -28.92 12.87 -2.05
C3 2UU K . -28.15 11.98 -1.34
C4 2UU K . -33.80 11.57 -0.24
C5 2UU K . -32.98 10.66 -2.28
C6 2UU K . -28.63 14.20 -2.04
C7 2UU K . -27.09 12.43 -0.60
C8 2UU K . -27.94 17.07 -3.35
C9 2UU K . -26.15 16.44 -0.56
C10 2UU K . -28.68 18.03 -4.01
C11 2UU K . -25.38 15.55 0.16
C12 2UU K . -33.84 12.82 -0.80
C13 2UU K . -32.99 11.91 -2.85
C14 2UU K . -31.90 15.25 -1.14
C15 2UU K . -33.48 16.51 -2.44
C16 2UU K . -31.48 16.41 -0.54
C17 2UU K . -33.05 17.68 -1.85
C18 2UU K . -28.73 17.91 -1.26
C19 2UU K . -27.55 14.66 -1.30
C20 2UU K . -26.77 13.77 -0.58
C21 2UU K . -27.98 17.01 -1.98
C22 2UU K . -27.23 16.01 -1.29
C23 2UU K . -29.45 18.93 -3.32
C24 2UU K . -25.69 14.22 0.17
C25 2UU K . -29.48 18.86 -1.93
C26 2UU K . -33.40 12.98 -2.10
C27 2UU K . -32.91 15.31 -2.08
C28 2UU K . -32.06 17.61 -0.90
C29 2UU K . -30.25 19.93 -4.06
C30 2UU K . -24.81 13.33 1.00
N31 2UU K . -30.29 19.75 -1.15
O32 2UU K . -31.19 20.56 -3.63
O33 2UU K . -30.85 18.74 1.13
O34 2UU K . -32.64 19.99 -0.11
O35 2UU K . -29.79 20.01 -5.32
O36 2UU K . -33.41 14.20 -2.74
S37 2UU K . -31.51 19.10 -0.12
H1 2UU K . -33.35 9.51 -0.54
H2 2UU K . -29.76 12.51 -2.63
H3 2UU K . -28.38 10.92 -1.34
H4 2UU K . -34.12 11.41 0.79
H5 2UU K . -32.64 9.81 -2.86
H6 2UU K . -29.25 14.86 -2.61
H7 2UU K . -26.52 11.70 -0.04
H8 2UU K . -27.34 16.37 -3.92
H9 2UU K . -25.91 17.48 -0.55
H10 2UU K . -28.64 18.04 -5.08
H11 2UU K . -24.54 15.93 0.74
H12 2UU K . -34.17 13.66 -0.21
H13 2UU K . -32.67 12.06 -3.88
H14 2UU K . -31.43 14.31 -0.85
H15 2UU K . -34.26 16.54 -3.17
H16 2UU K . -30.69 16.38 0.20
H17 2UU K . -33.49 18.63 -2.12
H18 2UU K . -28.75 17.84 -0.18
H31 2UU K . -30.40 20.71 -1.50
H35 2UU K . -30.31 19.45 -5.92
C1 2UU L . 8.25 -9.92 6.80
C2 2UU L . 4.54 -12.13 3.96
C3 2UU L . 3.57 -11.26 4.35
C4 2UU L . 8.32 -11.03 7.61
C5 2UU L . 8.39 -10.03 5.44
C6 2UU L . 4.25 -13.45 3.78
C7 2UU L . 2.29 -11.69 4.62
C8 2UU L . 4.12 -16.25 2.19
C9 2UU L . 1.39 -15.68 4.10
C10 2UU L . 5.04 -17.20 1.84
C11 2UU L . 0.42 -14.80 4.50
C12 2UU L . 8.54 -12.26 7.07
C13 2UU L . 8.59 -11.26 4.88
C14 2UU L . 6.88 -14.63 5.87
C15 2UU L . 8.81 -15.87 5.22
C16 2UU L . 6.25 -15.80 6.20
C17 2UU L . 8.20 -17.06 5.53
C18 2UU L . 4.02 -17.19 4.37
C19 2UU L . 2.98 -13.91 4.04
C20 2UU L . 1.99 -13.02 4.46
C21 2UU L . 3.62 -16.23 3.46
C22 2UU L . 2.67 -15.25 3.86
C23 2UU L . 5.45 -18.16 2.74
C24 2UU L . 0.70 -13.46 4.71
C25 2UU L . 4.95 -18.15 4.01
C26 2UU L . 8.66 -12.36 5.70
C27 2UU L . 8.16 -14.67 5.40
C28 2UU L . 6.91 -16.99 6.02
C29 2UU L . 6.45 -19.13 2.25
C30 2UU L . -0.39 -12.57 5.18
N31 2UU L . 5.34 -19.08 5.02
O32 2UU L . 6.79 -19.21 1.09
O33 2UU L . 5.04 -18.17 7.38
O34 2UU L . 7.13 -19.43 6.85
O35 2UU L . 6.92 -19.96 3.20
O36 2UU L . 8.90 -13.56 5.04
S37 2UU L . 6.10 -18.51 6.44
H1 2UU L . 8.07 -8.95 7.24
H2 2UU L . 5.55 -11.77 3.75
H3 2UU L . 3.80 -10.20 4.48
H4 2UU L . 8.21 -10.90 8.69
H5 2UU L . 8.33 -9.15 4.80
H6 2UU L . 5.04 -14.11 3.45
H7 2UU L . 1.56 -10.97 4.95
H8 2UU L . 3.81 -15.51 1.47
H9 2UU L . 1.17 -16.72 3.96
H10 2UU L . 5.42 -17.18 0.83
H11 2UU L . -0.58 -15.18 4.70
H12 2UU L . 8.61 -13.13 7.69
H13 2UU L . 8.70 -11.34 3.80
H14 2UU L . 6.36 -13.68 6.00
H15 2UU L . 9.83 -15.88 4.84
H16 2UU L . 5.23 -15.78 6.57
H17 2UU L . 8.71 -17.99 5.40
H18 2UU L . 3.62 -17.16 5.37
H31 2UU L . 5.62 -20.02 4.70
H35 2UU L . 7.72 -19.58 3.61
#